data_8ZK9
#
_entry.id   8ZK9
#
_cell.length_a   115.916
_cell.length_b   136.520
_cell.length_c   77.234
_cell.angle_alpha   90.00
_cell.angle_beta   90.00
_cell.angle_gamma   90.00
#
_symmetry.space_group_name_H-M   'P 21 21 2'
#
loop_
_entity.id
_entity.type
_entity.pdbx_description
1 polymer 'Indolepyruvate decarboxylase'
2 non-polymer 'THIAMINE DIPHOSPHATE'
3 non-polymer 'MAGNESIUM ION'
4 non-polymer '3-PHENYLPYRUVIC ACID'
5 water water
#
_entity_poly.entity_id   1
_entity_poly.type   'polypeptide(L)'
_entity_poly.pdbx_seq_one_letter_code
;MGSSHHHHHHSQDPMRTPYCVADYLLDRLTDCGADHLFGVPGDYNLQFLDHVIDSPDICWVGCANELNASYAADGYARCK
GFAALLTTFGVGELSAMNGIAGSYAEHVPVLHIVGAPGTASQQRGELLHHTLGDGEFRHFYHMSEPITVAQAILTEQNAC
YEIDRVLTTMLRERRPGYLMLPADVAKKAATPPVNALTLRHAHADSACLKAFRDAAENRLAMSKRTALLADFLVLRHGLK
HALQKWVKDVPMAHATMLMGKGIFDERHVGFYGTYSGSASAGAVKEAIEGADTVLCIGTRFTDTLTAGFTHQLTPSQTIE
VQPHASRVGDVWFTGIPMLQAIETLVELCKQHVHDTPVPSSQSAMVYPQPDGSLTQDNFWKTLQTFIRPGDIILADQGTS
AFGAIDLRLPADVNFIVQPLWGSIGYTLAAAFGAQTACPNRRVIVLTGDGAAQLTIQELGSMLRDKQHPIILVLNNEGYT
VLRAIHGPEQRYNDIALWNWTQIPQALSLDPQAQCWRVSEAEQLADVLEKVAHHERLSLIEVMLPKADIPPLLGAITKAL
EARNSA
;
_entity_poly.pdbx_strand_id   A,B
#
loop_
_chem_comp.id
_chem_comp.type
_chem_comp.name
_chem_comp.formula
MG non-polymer 'MAGNESIUM ION' 'Mg 2'
PPY non-polymer '3-PHENYLPYRUVIC ACID' 'C9 H8 O3'
TPP non-polymer 'THIAMINE DIPHOSPHATE' 'C12 H19 N4 O7 P2 S 1'
#
# COMPACT_ATOMS: atom_id res chain seq x y z
N THR A 17 6.21 -1.28 35.53
CA THR A 17 5.33 -1.75 34.48
C THR A 17 3.92 -2.07 35.01
N PRO A 18 3.17 -1.05 35.40
CA PRO A 18 1.81 -1.27 35.86
C PRO A 18 0.88 -1.59 34.70
N TYR A 19 -0.18 -2.34 35.00
CA TYR A 19 -1.14 -2.73 33.97
C TYR A 19 -1.83 -1.50 33.40
N CYS A 20 -1.86 -1.40 32.08
CA CYS A 20 -2.34 -0.20 31.41
C CYS A 20 -3.19 -0.60 30.21
N VAL A 21 -3.66 0.43 29.48
CA VAL A 21 -4.53 0.21 28.34
C VAL A 21 -3.88 -0.70 27.30
N ALA A 22 -2.58 -0.51 27.07
CA ALA A 22 -1.88 -1.36 26.12
C ALA A 22 -1.97 -2.82 26.51
N ASP A 23 -1.79 -3.13 27.80
CA ASP A 23 -1.91 -4.50 28.27
C ASP A 23 -3.34 -5.00 28.14
N TYR A 24 -4.33 -4.12 28.39
CA TYR A 24 -5.72 -4.52 28.26
C TYR A 24 -6.05 -4.93 26.82
N LEU A 25 -5.57 -4.14 25.86
CA LEU A 25 -5.80 -4.46 24.45
C LEU A 25 -5.18 -5.80 24.08
N LEU A 26 -3.96 -6.07 24.54
CA LEU A 26 -3.31 -7.34 24.23
C LEU A 26 -4.06 -8.51 24.88
N ASP A 27 -4.52 -8.34 26.11
CA ASP A 27 -5.30 -9.39 26.76
C ASP A 27 -6.57 -9.69 25.98
N ARG A 28 -7.26 -8.65 25.51
CA ARG A 28 -8.46 -8.85 24.72
C ARG A 28 -8.13 -9.48 23.37
N LEU A 29 -6.93 -9.18 22.84
CA LEU A 29 -6.50 -9.77 21.59
C LEU A 29 -6.41 -11.28 21.69
N THR A 30 -5.82 -11.77 22.79
CA THR A 30 -5.72 -13.22 23.01
C THR A 30 -7.10 -13.83 23.21
N ASP A 31 -7.99 -13.14 23.91
CA ASP A 31 -9.35 -13.63 24.12
C ASP A 31 -10.03 -13.91 22.78
N CYS A 32 -9.75 -13.09 21.77
CA CYS A 32 -10.38 -13.23 20.47
C CYS A 32 -9.76 -14.31 19.60
N GLY A 33 -8.60 -14.86 20.00
CA GLY A 33 -7.99 -15.97 19.29
C GLY A 33 -6.64 -15.68 18.67
N ALA A 34 -6.12 -14.47 18.76
CA ALA A 34 -4.83 -14.13 18.16
C ALA A 34 -3.69 -14.38 19.13
N ASP A 35 -2.65 -15.06 18.65
CA ASP A 35 -1.42 -15.25 19.41
C ASP A 35 -0.25 -14.48 18.83
N HIS A 36 -0.47 -13.74 17.74
CA HIS A 36 0.58 -12.96 17.10
C HIS A 36 0.05 -11.60 16.71
N LEU A 37 0.95 -10.62 16.65
CA LEU A 37 0.66 -9.29 16.17
C LEU A 37 1.58 -8.99 15.01
N PHE A 38 1.01 -8.70 13.84
CA PHE A 38 1.76 -8.35 12.65
C PHE A 38 1.84 -6.84 12.50
N GLY A 39 2.89 -6.37 11.84
CA GLY A 39 2.93 -4.97 11.47
C GLY A 39 4.35 -4.48 11.28
N VAL A 40 4.48 -3.15 11.32
CA VAL A 40 5.74 -2.45 11.13
C VAL A 40 5.83 -1.36 12.19
N PRO A 41 6.95 -1.23 12.90
CA PRO A 41 7.04 -0.22 13.96
C PRO A 41 7.16 1.20 13.42
N GLY A 42 6.84 2.14 14.30
CA GLY A 42 7.10 3.55 14.08
C GLY A 42 7.19 4.19 15.45
N ASP A 43 7.71 5.43 15.48
CA ASP A 43 7.91 6.08 16.77
C ASP A 43 6.60 6.26 17.53
N TYR A 44 5.48 6.37 16.81
CA TYR A 44 4.18 6.52 17.48
C TYR A 44 3.70 5.23 18.15
N ASN A 45 4.32 4.07 17.85
CA ASN A 45 3.86 2.82 18.45
C ASN A 45 4.96 2.04 19.14
N LEU A 46 6.14 2.64 19.35
CA LEU A 46 7.24 1.89 19.97
C LEU A 46 6.93 1.52 21.40
N GLN A 47 6.31 2.43 22.15
CA GLN A 47 6.04 2.15 23.56
C GLN A 47 4.94 1.11 23.72
N PHE A 48 3.95 1.11 22.83
CA PHE A 48 2.98 0.01 22.80
C PHE A 48 3.69 -1.31 22.51
N LEU A 49 4.70 -1.28 21.65
CA LEU A 49 5.40 -2.49 21.25
C LEU A 49 6.16 -3.13 22.42
N ASP A 50 6.62 -2.33 23.38
CA ASP A 50 7.25 -2.91 24.57
C ASP A 50 6.30 -3.87 25.28
N HIS A 51 5.02 -3.51 25.36
CA HIS A 51 4.05 -4.40 25.99
C HIS A 51 3.79 -5.64 25.16
N VAL A 52 3.92 -5.53 23.83
CA VAL A 52 3.80 -6.73 22.99
C VAL A 52 4.98 -7.67 23.21
N ILE A 53 6.19 -7.12 23.28
CA ILE A 53 7.38 -7.94 23.52
C ILE A 53 7.27 -8.65 24.87
N ASP A 54 6.88 -7.90 25.91
CA ASP A 54 6.79 -8.45 27.25
C ASP A 54 5.62 -9.40 27.42
N SER A 55 4.61 -9.32 26.56
CA SER A 55 3.44 -10.17 26.72
C SER A 55 3.81 -11.63 26.54
N PRO A 56 3.28 -12.53 27.38
CA PRO A 56 3.52 -13.97 27.21
C PRO A 56 2.54 -14.65 26.27
N ASP A 57 1.54 -13.91 25.78
CA ASP A 57 0.48 -14.48 24.97
C ASP A 57 0.46 -13.98 23.54
N ILE A 58 1.14 -12.88 23.22
CA ILE A 58 1.11 -12.30 21.89
C ILE A 58 2.54 -12.20 21.37
N CYS A 59 2.74 -12.64 20.14
CA CYS A 59 4.06 -12.65 19.53
C CYS A 59 4.15 -11.58 18.45
N TRP A 60 5.10 -10.65 18.62
CA TRP A 60 5.31 -9.63 17.60
C TRP A 60 5.91 -10.25 16.36
N VAL A 61 5.33 -9.96 15.20
CA VAL A 61 5.81 -10.46 13.92
C VAL A 61 6.10 -9.23 13.06
N GLY A 62 7.34 -8.77 13.08
CA GLY A 62 7.71 -7.65 12.24
C GLY A 62 7.66 -8.04 10.77
N CYS A 63 7.05 -7.19 9.97
CA CYS A 63 6.84 -7.48 8.56
C CYS A 63 7.66 -6.53 7.71
N ALA A 64 7.81 -6.88 6.42
CA ALA A 64 8.65 -6.08 5.53
C ALA A 64 7.96 -4.79 5.09
N ASN A 65 6.63 -4.79 4.96
CA ASN A 65 5.88 -3.53 4.81
C ASN A 65 4.46 -3.75 5.30
N GLU A 66 3.75 -2.63 5.50
CA GLU A 66 2.44 -2.68 6.12
C GLU A 66 1.42 -3.40 5.25
N LEU A 67 1.50 -3.21 3.93
CA LEU A 67 0.56 -3.91 3.05
C LEU A 67 0.74 -5.43 3.18
N ASN A 68 1.99 -5.90 3.22
CA ASN A 68 2.25 -7.31 3.46
C ASN A 68 1.81 -7.72 4.85
N ALA A 69 2.00 -6.84 5.84
CA ALA A 69 1.56 -7.14 7.19
C ALA A 69 0.05 -7.30 7.27
N SER A 70 -0.68 -6.46 6.54
CA SER A 70 -2.14 -6.59 6.51
C SER A 70 -2.55 -7.86 5.77
N TYR A 71 -1.85 -8.20 4.70
CA TYR A 71 -2.11 -9.47 4.02
C TYR A 71 -1.82 -10.65 4.93
N ALA A 72 -0.72 -10.58 5.69
CA ALA A 72 -0.37 -11.67 6.59
C ALA A 72 -1.42 -11.84 7.68
N ALA A 73 -1.91 -10.74 8.24
CA ALA A 73 -2.95 -10.83 9.26
C ALA A 73 -4.21 -11.47 8.70
N ASP A 74 -4.59 -11.09 7.48
CA ASP A 74 -5.75 -11.70 6.83
C ASP A 74 -5.57 -13.21 6.73
N GLY A 75 -4.43 -13.66 6.20
CA GLY A 75 -4.19 -15.10 6.10
C GLY A 75 -4.13 -15.75 7.47
N TYR A 76 -3.54 -15.06 8.45
CA TYR A 76 -3.54 -15.55 9.82
C TYR A 76 -4.96 -15.70 10.36
N ALA A 77 -5.82 -14.71 10.12
CA ALA A 77 -7.19 -14.78 10.61
C ALA A 77 -7.99 -15.86 9.90
N ARG A 78 -7.63 -16.19 8.67
CA ARG A 78 -8.30 -17.29 7.98
C ARG A 78 -7.91 -18.66 8.52
N CYS A 79 -6.90 -18.73 9.37
CA CYS A 79 -6.50 -19.98 10.00
C CYS A 79 -6.84 -20.05 11.49
N LYS A 80 -6.88 -18.91 12.17
CA LYS A 80 -7.15 -18.88 13.60
C LYS A 80 -8.45 -18.19 13.95
N GLY A 81 -9.16 -17.64 12.96
CA GLY A 81 -10.43 -16.98 13.19
C GLY A 81 -10.34 -15.53 13.61
N PHE A 82 -9.14 -14.99 13.76
CA PHE A 82 -8.95 -13.63 14.24
C PHE A 82 -7.48 -13.25 14.07
N ALA A 83 -7.24 -11.97 13.85
CA ALA A 83 -5.86 -11.49 13.70
C ALA A 83 -5.82 -10.00 14.03
N ALA A 84 -4.60 -9.52 14.26
CA ALA A 84 -4.39 -8.11 14.58
C ALA A 84 -3.18 -7.59 13.82
N LEU A 85 -3.29 -6.35 13.37
CA LEU A 85 -2.25 -5.65 12.64
C LEU A 85 -1.92 -4.36 13.37
N LEU A 86 -0.62 -4.07 13.50
CA LEU A 86 -0.17 -2.83 14.13
C LEU A 86 0.59 -1.99 13.11
N THR A 87 0.12 -0.76 12.90
CA THR A 87 0.80 0.18 12.02
C THR A 87 1.03 1.48 12.76
N THR A 88 1.78 2.37 12.13
CA THR A 88 2.01 3.70 12.68
C THR A 88 1.10 4.71 11.97
N PHE A 89 0.83 5.81 12.67
CA PHE A 89 -0.13 6.81 12.21
C PHE A 89 0.22 7.29 10.81
N GLY A 90 -0.77 7.28 9.93
CA GLY A 90 -0.64 7.85 8.60
C GLY A 90 0.09 6.98 7.59
N VAL A 91 1.42 6.96 7.66
CA VAL A 91 2.20 6.26 6.64
C VAL A 91 1.99 4.76 6.73
N GLY A 92 1.85 4.23 7.94
CA GLY A 92 1.64 2.81 8.11
C GLY A 92 0.22 2.40 7.78
N GLU A 93 -0.74 3.07 8.41
CA GLU A 93 -2.14 2.67 8.26
C GLU A 93 -2.62 2.82 6.82
N LEU A 94 -2.16 3.86 6.12
CA LEU A 94 -2.58 4.02 4.73
C LEU A 94 -1.94 2.98 3.82
N SER A 95 -0.70 2.56 4.13
CA SER A 95 -0.08 1.47 3.37
C SER A 95 -0.86 0.17 3.51
N ALA A 96 -1.51 -0.03 4.65
CA ALA A 96 -2.26 -1.26 4.91
C ALA A 96 -3.71 -1.17 4.48
N MET A 97 -4.11 -0.06 3.87
CA MET A 97 -5.53 0.18 3.61
C MET A 97 -6.11 -0.85 2.66
N ASN A 98 -5.36 -1.24 1.63
CA ASN A 98 -5.86 -2.23 0.67
C ASN A 98 -6.05 -3.59 1.32
N GLY A 99 -5.16 -3.96 2.24
CA GLY A 99 -5.34 -5.23 2.93
C GLY A 99 -6.57 -5.24 3.81
N ILE A 100 -6.78 -4.17 4.57
CA ILE A 100 -7.98 -4.07 5.41
C ILE A 100 -9.23 -4.11 4.56
N ALA A 101 -9.22 -3.43 3.41
CA ALA A 101 -10.38 -3.45 2.53
C ALA A 101 -10.68 -4.86 2.05
N GLY A 102 -9.63 -5.63 1.71
CA GLY A 102 -9.83 -7.01 1.33
C GLY A 102 -10.40 -7.86 2.47
N SER A 103 -9.95 -7.59 3.69
CA SER A 103 -10.53 -8.29 4.84
C SER A 103 -11.99 -7.92 5.01
N TYR A 104 -12.34 -6.65 4.80
CA TYR A 104 -13.74 -6.27 4.85
C TYR A 104 -14.55 -6.95 3.75
N ALA A 105 -14.02 -6.96 2.53
CA ALA A 105 -14.76 -7.52 1.40
C ALA A 105 -15.05 -9.00 1.61
N GLU A 106 -14.07 -9.75 2.12
CA GLU A 106 -14.20 -11.20 2.26
C GLU A 106 -14.50 -11.61 3.69
N HIS A 107 -14.89 -10.67 4.55
CA HIS A 107 -15.35 -10.95 5.91
C HIS A 107 -14.29 -11.67 6.73
N VAL A 108 -13.14 -11.02 6.88
CA VAL A 108 -12.02 -11.54 7.65
C VAL A 108 -11.82 -10.63 8.86
N PRO A 109 -11.92 -11.13 10.09
CA PRO A 109 -11.77 -10.26 11.26
C PRO A 109 -10.31 -9.94 11.58
N VAL A 110 -9.80 -8.86 11.00
CA VAL A 110 -8.45 -8.37 11.24
C VAL A 110 -8.57 -7.05 11.98
N LEU A 111 -7.95 -6.97 13.16
CA LEU A 111 -7.98 -5.75 13.95
C LEU A 111 -6.80 -4.86 13.56
N HIS A 112 -7.10 -3.66 13.09
CA HIS A 112 -6.09 -2.68 12.72
C HIS A 112 -5.84 -1.76 13.91
N ILE A 113 -4.68 -1.92 14.55
CA ILE A 113 -4.25 -1.03 15.62
C ILE A 113 -3.31 0.00 15.02
N VAL A 114 -3.63 1.28 15.17
CA VAL A 114 -2.84 2.37 14.63
C VAL A 114 -2.22 3.14 15.78
N GLY A 115 -0.90 3.00 15.95
CA GLY A 115 -0.20 3.85 16.90
C GLY A 115 -0.22 5.30 16.42
N ALA A 116 -0.58 6.21 17.32
CA ALA A 116 -0.85 7.59 16.97
C ALA A 116 -0.07 8.53 17.87
N PRO A 117 0.12 9.78 17.44
CA PRO A 117 0.73 10.78 18.33
C PRO A 117 -0.11 10.99 19.57
N GLY A 118 0.54 11.49 20.62
CA GLY A 118 -0.16 11.73 21.86
C GLY A 118 -1.32 12.70 21.69
N THR A 119 -2.32 12.55 22.56
CA THR A 119 -3.53 13.35 22.44
C THR A 119 -3.22 14.85 22.55
N ALA A 120 -2.28 15.22 23.42
CA ALA A 120 -1.92 16.62 23.54
C ALA A 120 -1.37 17.16 22.23
N SER A 121 -0.49 16.40 21.58
CA SER A 121 0.04 16.83 20.28
C SER A 121 -1.07 16.98 19.26
N GLN A 122 -2.04 16.05 19.26
CA GLN A 122 -3.17 16.15 18.36
C GLN A 122 -3.99 17.40 18.64
N GLN A 123 -4.22 17.70 19.93
CA GLN A 123 -5.06 18.83 20.29
C GLN A 123 -4.43 20.17 19.92
N ARG A 124 -3.09 20.27 19.98
CA ARG A 124 -2.44 21.51 19.56
C ARG A 124 -2.31 21.64 18.06
N GLY A 125 -2.70 20.62 17.29
CA GLY A 125 -2.62 20.70 15.85
C GLY A 125 -1.20 20.85 15.32
N GLU A 126 -0.25 20.16 15.94
CA GLU A 126 1.15 20.32 15.58
C GLU A 126 1.43 19.75 14.20
N LEU A 127 2.45 20.31 13.55
CA LEU A 127 2.89 19.86 12.23
C LEU A 127 3.84 18.68 12.40
N LEU A 128 3.25 17.53 12.71
CA LEU A 128 4.01 16.32 12.99
C LEU A 128 4.23 15.50 11.73
N HIS A 129 5.31 14.72 11.73
CA HIS A 129 5.54 13.78 10.63
C HIS A 129 4.40 12.77 10.57
N HIS A 130 4.15 12.26 9.36
CA HIS A 130 3.05 11.35 9.05
C HIS A 130 1.69 12.05 9.06
N THR A 131 1.68 13.37 8.92
CA THR A 131 0.45 14.14 8.76
C THR A 131 0.50 14.89 7.43
N LEU A 132 -0.66 15.41 7.03
CA LEU A 132 -0.78 16.19 5.81
C LEU A 132 -0.32 17.63 5.98
N GLY A 133 0.25 17.97 7.14
CA GLY A 133 0.74 19.31 7.37
C GLY A 133 -0.32 20.34 7.66
N ASP A 134 -1.57 19.91 7.91
CA ASP A 134 -2.66 20.82 8.20
C ASP A 134 -3.09 20.78 9.66
N GLY A 135 -2.38 20.04 10.50
CA GLY A 135 -2.74 19.94 11.90
C GLY A 135 -3.93 19.06 12.20
N GLU A 136 -4.43 18.31 11.23
CA GLU A 136 -5.58 17.45 11.41
C GLU A 136 -5.12 16.01 11.59
N PHE A 137 -5.64 15.34 12.61
CA PHE A 137 -5.20 13.99 12.96
C PHE A 137 -6.29 12.94 12.83
N ARG A 138 -7.43 13.28 12.23
CA ARG A 138 -8.54 12.34 12.09
C ARG A 138 -8.89 12.03 10.64
N HIS A 139 -8.10 12.51 9.68
CA HIS A 139 -8.35 12.18 8.28
C HIS A 139 -8.34 10.67 8.05
N PHE A 140 -7.28 10.00 8.51
CA PHE A 140 -7.09 8.60 8.19
C PHE A 140 -8.06 7.72 8.96
N TYR A 141 -8.46 8.15 10.16
CA TYR A 141 -9.50 7.45 10.90
C TYR A 141 -10.79 7.41 10.10
N HIS A 142 -11.22 8.56 9.54
CA HIS A 142 -12.45 8.57 8.78
C HIS A 142 -12.29 7.84 7.45
N MET A 143 -11.09 7.87 6.85
CA MET A 143 -10.87 7.15 5.61
C MET A 143 -11.01 5.65 5.81
N SER A 144 -10.77 5.16 7.03
CA SER A 144 -10.93 3.74 7.35
C SER A 144 -12.38 3.32 7.56
N GLU A 145 -13.28 4.28 7.76
CA GLU A 145 -14.68 3.97 8.07
C GLU A 145 -15.34 3.02 7.08
N PRO A 146 -15.22 3.20 5.76
CA PRO A 146 -15.95 2.30 4.84
C PRO A 146 -15.44 0.86 4.84
N ILE A 147 -14.26 0.57 5.40
CA ILE A 147 -13.70 -0.77 5.29
C ILE A 147 -13.56 -1.43 6.66
N THR A 148 -14.31 -0.96 7.65
CA THR A 148 -14.37 -1.60 8.95
C THR A 148 -15.82 -1.63 9.43
N VAL A 149 -16.13 -2.60 10.29
CA VAL A 149 -17.45 -2.67 10.89
C VAL A 149 -17.54 -1.85 12.16
N ALA A 150 -16.42 -1.50 12.77
CA ALA A 150 -16.43 -0.69 13.98
C ALA A 150 -15.06 -0.05 14.11
N GLN A 151 -15.04 1.18 14.64
CA GLN A 151 -13.76 1.80 14.96
C GLN A 151 -13.95 2.71 16.15
N ALA A 152 -12.82 3.08 16.75
CA ALA A 152 -12.84 4.01 17.87
C ALA A 152 -11.52 4.75 17.91
N ILE A 153 -11.58 5.99 18.37
CA ILE A 153 -10.39 6.74 18.78
C ILE A 153 -10.29 6.56 20.30
N LEU A 154 -9.29 5.82 20.73
CA LEU A 154 -9.19 5.50 22.15
C LEU A 154 -8.73 6.73 22.92
N THR A 155 -9.45 7.05 23.99
CA THR A 155 -9.11 8.12 24.90
C THR A 155 -8.96 7.54 26.31
N GLU A 156 -8.47 8.38 27.22
CA GLU A 156 -8.39 7.99 28.61
C GLU A 156 -9.76 7.68 29.20
N GLN A 157 -10.82 8.30 28.65
CA GLN A 157 -12.16 8.16 29.20
C GLN A 157 -12.98 7.04 28.57
N ASN A 158 -12.50 6.39 27.51
CA ASN A 158 -13.30 5.39 26.83
C ASN A 158 -12.58 4.10 26.47
N ALA A 159 -11.29 3.98 26.80
CA ALA A 159 -10.42 3.02 26.11
C ALA A 159 -10.92 1.59 26.25
N CYS A 160 -11.18 1.15 27.47
CA CYS A 160 -11.42 -0.27 27.69
C CYS A 160 -12.75 -0.73 27.11
N TYR A 161 -13.81 0.07 27.25
CA TYR A 161 -15.08 -0.36 26.68
C TYR A 161 -15.15 -0.11 25.18
N GLU A 162 -14.38 0.85 24.66
CA GLU A 162 -14.29 1.00 23.20
C GLU A 162 -13.53 -0.17 22.58
N ILE A 163 -12.46 -0.63 23.25
CA ILE A 163 -11.76 -1.82 22.78
C ILE A 163 -12.69 -3.02 22.75
N ASP A 164 -13.44 -3.21 23.83
CA ASP A 164 -14.35 -4.35 23.89
C ASP A 164 -15.44 -4.22 22.84
N ARG A 165 -15.98 -3.02 22.65
CA ARG A 165 -17.06 -2.82 21.68
C ARG A 165 -16.59 -3.13 20.27
N VAL A 166 -15.42 -2.62 19.89
CA VAL A 166 -14.90 -2.83 18.53
C VAL A 166 -14.62 -4.31 18.31
N LEU A 167 -13.95 -4.95 19.27
CA LEU A 167 -13.65 -6.38 19.15
C LEU A 167 -14.92 -7.20 19.14
N THR A 168 -15.89 -6.82 19.97
CA THR A 168 -17.16 -7.55 19.98
C THR A 168 -17.87 -7.45 18.65
N THR A 169 -17.96 -6.24 18.09
CA THR A 169 -18.56 -6.08 16.76
C THR A 169 -17.77 -6.84 15.71
N MET A 170 -16.45 -6.79 15.82
CA MET A 170 -15.59 -7.56 14.93
C MET A 170 -15.95 -9.05 15.00
N LEU A 171 -16.07 -9.57 16.22
CA LEU A 171 -16.44 -10.97 16.39
C LEU A 171 -17.86 -11.23 15.85
N ARG A 172 -18.79 -10.30 16.06
CA ARG A 172 -20.15 -10.55 15.59
C ARG A 172 -20.19 -10.59 14.08
N GLU A 173 -19.57 -9.60 13.42
CA GLU A 173 -19.66 -9.45 11.98
C GLU A 173 -18.57 -10.19 11.22
N ARG A 174 -17.50 -10.61 11.90
CA ARG A 174 -16.37 -11.25 11.25
C ARG A 174 -15.81 -10.36 10.14
N ARG A 175 -15.41 -9.16 10.53
CA ARG A 175 -14.95 -8.12 9.62
C ARG A 175 -13.97 -7.25 10.37
N PRO A 176 -13.15 -6.47 9.66
CA PRO A 176 -12.08 -5.73 10.34
C PRO A 176 -12.61 -4.65 11.28
N GLY A 177 -11.80 -4.37 12.31
CA GLY A 177 -12.03 -3.25 13.18
C GLY A 177 -10.80 -2.35 13.19
N TYR A 178 -10.99 -1.14 13.73
CA TYR A 178 -9.95 -0.13 13.71
C TYR A 178 -9.88 0.52 15.07
N LEU A 179 -8.68 0.64 15.63
CA LEU A 179 -8.46 1.36 16.87
C LEU A 179 -7.30 2.32 16.68
N MET A 180 -7.54 3.60 16.93
CA MET A 180 -6.46 4.56 17.00
C MET A 180 -6.01 4.67 18.45
N LEU A 181 -4.74 4.40 18.69
CA LEU A 181 -4.17 4.31 20.04
C LEU A 181 -3.11 5.38 20.20
N PRO A 182 -3.47 6.57 20.67
CA PRO A 182 -2.46 7.57 21.01
C PRO A 182 -1.50 7.03 22.05
N ALA A 183 -0.22 7.40 21.92
CA ALA A 183 0.82 6.84 22.78
C ALA A 183 0.55 7.13 24.26
N ASP A 184 -0.03 8.28 24.57
CA ASP A 184 -0.33 8.59 25.97
C ASP A 184 -1.47 7.71 26.49
N VAL A 185 -2.43 7.37 25.63
CA VAL A 185 -3.57 6.54 26.04
C VAL A 185 -3.10 5.13 26.39
N ALA A 186 -2.18 4.61 25.60
CA ALA A 186 -1.68 3.26 25.79
C ALA A 186 -1.17 3.07 27.16
N LYS A 187 -0.60 4.11 27.72
CA LYS A 187 -0.03 4.05 29.00
C LYS A 187 -0.96 4.30 30.15
N LYS A 188 -2.21 4.62 29.86
CA LYS A 188 -3.12 4.92 30.93
C LYS A 188 -3.49 3.67 31.68
N ALA A 189 -3.64 3.83 32.98
CA ALA A 189 -3.99 2.74 33.86
C ALA A 189 -5.23 1.98 33.48
N ALA A 190 -5.14 0.70 33.64
CA ALA A 190 -6.29 -0.16 33.40
C ALA A 190 -6.25 -1.28 34.42
N THR A 191 -7.34 -2.04 34.48
CA THR A 191 -7.45 -3.17 35.39
C THR A 191 -7.69 -4.43 34.58
N PRO A 192 -6.98 -5.52 34.86
CA PRO A 192 -7.17 -6.76 34.10
C PRO A 192 -8.60 -7.26 34.25
N PRO A 193 -9.20 -7.72 33.16
CA PRO A 193 -10.58 -8.23 33.25
C PRO A 193 -10.61 -9.59 33.90
N VAL A 194 -11.68 -9.83 34.67
CA VAL A 194 -11.81 -11.13 35.33
C VAL A 194 -12.21 -12.21 34.33
N ASN A 195 -13.02 -11.82 33.38
CA ASN A 195 -13.45 -12.74 32.37
C ASN A 195 -12.92 -12.43 30.98
N ALA A 196 -12.75 -13.46 30.19
CA ALA A 196 -12.29 -13.31 28.87
C ALA A 196 -13.40 -12.71 28.07
N LEU A 197 -13.04 -11.86 27.12
CA LEU A 197 -14.01 -11.26 26.27
C LEU A 197 -14.62 -12.36 25.47
N THR A 198 -15.93 -12.43 25.51
CA THR A 198 -16.67 -13.44 24.77
C THR A 198 -18.10 -12.96 24.79
N LEU A 199 -18.56 -12.24 23.78
CA LEU A 199 -19.96 -11.82 23.85
C LEU A 199 -20.88 -12.98 23.46
N ARG A 200 -20.35 -13.86 22.64
CA ARG A 200 -21.01 -15.08 22.25
C ARG A 200 -22.38 -15.03 21.58
N HIS A 201 -22.97 -16.20 21.50
CA HIS A 201 -24.19 -16.43 20.77
C HIS A 201 -25.39 -15.49 20.93
N ALA A 202 -26.09 -15.32 19.83
CA ALA A 202 -27.31 -14.57 19.80
C ALA A 202 -28.37 -15.49 19.31
N HIS A 203 -29.58 -15.27 19.75
CA HIS A 203 -30.67 -16.12 19.36
C HIS A 203 -31.78 -15.33 18.75
N ALA A 204 -32.38 -15.91 17.76
CA ALA A 204 -33.47 -15.30 17.10
C ALA A 204 -34.71 -15.33 17.98
N ASP A 205 -35.58 -14.35 17.78
CA ASP A 205 -36.86 -14.36 18.46
C ASP A 205 -37.60 -15.63 18.07
N SER A 206 -38.13 -16.35 19.06
CA SER A 206 -38.60 -17.70 18.80
C SER A 206 -39.73 -17.72 17.80
N ALA A 207 -40.55 -16.67 17.76
CA ALA A 207 -41.58 -16.57 16.73
C ALA A 207 -40.95 -16.34 15.37
N CYS A 208 -39.92 -15.49 15.30
CA CYS A 208 -39.24 -15.24 14.03
C CYS A 208 -38.57 -16.51 13.52
N LEU A 209 -37.86 -17.23 14.39
CA LEU A 209 -37.23 -18.48 14.00
C LEU A 209 -38.28 -19.52 13.59
N LYS A 210 -39.38 -19.59 14.34
CA LYS A 210 -40.44 -20.53 14.01
C LYS A 210 -41.03 -20.24 12.63
N ALA A 211 -41.23 -18.95 12.30
CA ALA A 211 -41.73 -18.59 10.99
C ALA A 211 -40.77 -19.04 9.89
N PHE A 212 -39.48 -18.85 10.09
CA PHE A 212 -38.50 -19.29 9.09
C PHE A 212 -38.58 -20.81 8.94
N ARG A 213 -38.53 -21.50 10.08
CA ARG A 213 -38.64 -22.95 10.14
C ARG A 213 -39.82 -23.45 9.39
N ASP A 214 -40.99 -22.86 9.63
CA ASP A 214 -42.19 -23.24 8.97
C ASP A 214 -42.12 -23.02 7.53
N ALA A 215 -41.51 -21.93 7.13
CA ALA A 215 -41.45 -21.68 5.69
C ALA A 215 -40.48 -22.64 5.02
N ALA A 216 -39.33 -22.87 5.64
CA ALA A 216 -38.34 -23.77 5.06
C ALA A 216 -38.86 -25.21 5.01
N GLU A 217 -39.60 -25.65 6.03
CA GLU A 217 -40.13 -27.01 6.02
C GLU A 217 -41.12 -27.21 4.87
N ASN A 218 -42.00 -26.23 4.65
CA ASN A 218 -42.95 -26.36 3.55
C ASN A 218 -42.24 -26.50 2.22
N ARG A 219 -41.20 -25.69 2.00
CA ARG A 219 -40.43 -25.78 0.76
C ARG A 219 -39.69 -27.11 0.67
N LEU A 220 -39.01 -27.51 1.75
CA LEU A 220 -38.22 -28.74 1.70
C LEU A 220 -39.10 -29.98 1.60
N ALA A 221 -40.26 -29.96 2.25
CA ALA A 221 -41.13 -31.14 2.25
C ALA A 221 -41.61 -31.50 0.85
N MET A 222 -41.70 -30.53 -0.05
CA MET A 222 -42.18 -30.76 -1.41
C MET A 222 -41.05 -30.84 -2.42
N SER A 223 -39.82 -31.01 -1.95
CA SER A 223 -38.66 -31.07 -2.82
C SER A 223 -38.32 -32.52 -3.13
N LYS A 224 -38.22 -32.84 -4.42
CA LYS A 224 -37.87 -34.20 -4.83
C LYS A 224 -36.39 -34.47 -4.62
N ARG A 225 -35.53 -33.51 -4.97
CA ARG A 225 -34.10 -33.64 -4.72
C ARG A 225 -33.51 -32.29 -4.30
N THR A 226 -32.86 -32.28 -3.14
CA THR A 226 -32.27 -31.08 -2.58
C THR A 226 -30.76 -31.12 -2.76
N ALA A 227 -30.16 -29.96 -3.01
CA ALA A 227 -28.72 -29.82 -3.09
C ALA A 227 -28.28 -28.73 -2.11
N LEU A 228 -27.02 -28.83 -1.70
CA LEU A 228 -26.45 -27.88 -0.74
C LEU A 228 -25.29 -27.14 -1.38
N LEU A 229 -25.29 -25.81 -1.24
CA LEU A 229 -24.22 -24.97 -1.76
C LEU A 229 -23.78 -24.04 -0.63
N ALA A 230 -22.57 -24.25 -0.13
CA ALA A 230 -22.02 -23.45 0.96
C ALA A 230 -20.82 -22.66 0.46
N ASP A 231 -20.55 -21.53 1.10
CA ASP A 231 -19.40 -20.76 0.68
C ASP A 231 -18.81 -20.01 1.88
N PHE A 232 -17.97 -19.00 1.59
CA PHE A 232 -16.95 -18.55 2.52
C PHE A 232 -17.51 -18.07 3.85
N LEU A 233 -18.74 -17.57 3.87
CA LEU A 233 -19.30 -17.10 5.13
C LEU A 233 -19.48 -18.24 6.13
N VAL A 234 -19.61 -19.48 5.65
CA VAL A 234 -19.56 -20.63 6.55
C VAL A 234 -18.20 -20.71 7.24
N LEU A 235 -17.13 -20.52 6.46
CA LEU A 235 -15.79 -20.55 7.04
C LEU A 235 -15.58 -19.45 8.06
N ARG A 236 -15.99 -18.22 7.72
CA ARG A 236 -15.67 -17.07 8.57
C ARG A 236 -16.39 -17.16 9.91
N HIS A 237 -17.61 -17.65 9.93
CA HIS A 237 -18.38 -17.73 11.16
C HIS A 237 -18.14 -19.01 11.93
N GLY A 238 -17.23 -19.86 11.47
CA GLY A 238 -16.88 -21.07 12.17
C GLY A 238 -17.89 -22.20 12.04
N LEU A 239 -18.56 -22.31 10.89
CA LEU A 239 -19.58 -23.32 10.71
C LEU A 239 -19.11 -24.46 9.80
N LYS A 240 -17.80 -24.58 9.59
CA LYS A 240 -17.27 -25.57 8.67
C LYS A 240 -17.59 -26.99 9.15
N HIS A 241 -17.35 -27.28 10.43
CA HIS A 241 -17.74 -28.56 10.99
C HIS A 241 -19.23 -28.82 10.77
N ALA A 242 -20.07 -27.85 11.14
CA ALA A 242 -21.51 -28.04 11.04
C ALA A 242 -21.92 -28.40 9.61
N LEU A 243 -21.29 -27.78 8.61
CA LEU A 243 -21.59 -28.11 7.23
C LEU A 243 -21.06 -29.49 6.87
N GLN A 244 -19.87 -29.84 7.35
CA GLN A 244 -19.33 -31.18 7.13
C GLN A 244 -20.24 -32.21 7.81
N LYS A 245 -20.65 -31.90 9.04
CA LYS A 245 -21.57 -32.75 9.79
C LYS A 245 -22.89 -32.90 9.06
N TRP A 246 -23.37 -31.81 8.48
CA TRP A 246 -24.63 -31.78 7.73
C TRP A 246 -24.65 -32.80 6.60
N VAL A 247 -23.64 -32.76 5.73
CA VAL A 247 -23.63 -33.63 4.55
C VAL A 247 -23.40 -35.08 4.92
N LYS A 248 -22.72 -35.33 6.03
CA LYS A 248 -22.50 -36.72 6.46
C LYS A 248 -23.78 -37.36 6.97
N ASP A 249 -24.57 -36.64 7.77
CA ASP A 249 -25.87 -37.16 8.20
C ASP A 249 -26.88 -37.20 7.08
N VAL A 250 -26.78 -36.24 6.16
CA VAL A 250 -27.81 -36.03 5.15
C VAL A 250 -27.17 -36.05 3.77
N PRO A 251 -26.88 -37.23 3.23
CA PRO A 251 -26.21 -37.28 1.91
C PRO A 251 -27.05 -36.62 0.84
N MET A 252 -26.42 -35.66 0.14
CA MET A 252 -27.06 -34.96 -0.97
C MET A 252 -25.95 -34.38 -1.82
N ALA A 253 -26.29 -34.05 -3.06
CA ALA A 253 -25.35 -33.32 -3.90
C ALA A 253 -24.97 -32.02 -3.21
N HIS A 254 -23.66 -31.79 -3.07
CA HIS A 254 -23.17 -30.59 -2.41
C HIS A 254 -21.94 -30.07 -3.12
N ALA A 255 -21.73 -28.76 -2.98
CA ALA A 255 -20.59 -28.10 -3.61
C ALA A 255 -20.32 -26.82 -2.85
N THR A 256 -19.18 -26.21 -3.14
CA THR A 256 -18.90 -24.83 -2.80
C THR A 256 -18.58 -24.07 -4.08
N MET A 257 -18.41 -22.76 -3.95
CA MET A 257 -17.83 -21.95 -5.00
C MET A 257 -16.35 -21.71 -4.66
N LEU A 258 -15.68 -20.90 -5.46
CA LEU A 258 -14.24 -20.73 -5.31
C LEU A 258 -13.87 -20.18 -3.94
N MET A 259 -14.64 -19.21 -3.43
CA MET A 259 -14.28 -18.56 -2.17
C MET A 259 -14.36 -19.53 -1.01
N GLY A 260 -15.36 -20.41 -1.00
CA GLY A 260 -15.56 -21.36 0.07
C GLY A 260 -14.97 -22.73 -0.15
N LYS A 261 -14.11 -22.89 -1.15
CA LYS A 261 -13.46 -24.19 -1.33
C LYS A 261 -12.70 -24.58 -0.08
N GLY A 262 -12.82 -25.84 0.30
CA GLY A 262 -12.21 -26.36 1.51
C GLY A 262 -13.21 -26.66 2.61
N ILE A 263 -14.45 -26.19 2.50
CA ILE A 263 -15.47 -26.52 3.48
C ILE A 263 -15.70 -28.03 3.52
N PHE A 264 -15.75 -28.65 2.35
CA PHE A 264 -16.06 -30.07 2.21
C PHE A 264 -14.81 -30.86 1.81
N ASP A 265 -14.73 -32.09 2.31
CA ASP A 265 -13.85 -33.10 1.75
C ASP A 265 -14.36 -33.43 0.35
N GLU A 266 -13.58 -33.09 -0.67
CA GLU A 266 -14.06 -33.19 -2.05
C GLU A 266 -14.02 -34.60 -2.62
N ARG A 267 -13.46 -35.56 -1.88
CA ARG A 267 -13.51 -36.96 -2.29
C ARG A 267 -14.73 -37.68 -1.75
N HIS A 268 -15.53 -37.00 -0.92
CA HIS A 268 -16.73 -37.58 -0.34
C HIS A 268 -17.82 -37.77 -1.39
N VAL A 269 -18.68 -38.78 -1.16
CA VAL A 269 -19.80 -39.02 -2.04
C VAL A 269 -20.71 -37.79 -2.03
N GLY A 270 -21.28 -37.49 -3.20
CA GLY A 270 -22.14 -36.33 -3.34
C GLY A 270 -21.43 -35.06 -3.78
N PHE A 271 -20.10 -35.06 -3.79
CA PHE A 271 -19.33 -33.93 -4.28
C PHE A 271 -18.80 -34.23 -5.68
N TYR A 272 -19.11 -33.34 -6.62
CA TYR A 272 -18.76 -33.54 -8.01
C TYR A 272 -17.77 -32.49 -8.53
N GLY A 273 -17.36 -31.54 -7.71
CA GLY A 273 -16.52 -30.43 -8.12
C GLY A 273 -17.07 -29.11 -7.64
N THR A 274 -16.25 -28.08 -7.82
CA THR A 274 -16.61 -26.74 -7.36
C THR A 274 -17.60 -26.09 -8.31
N TYR A 275 -18.57 -25.36 -7.75
CA TYR A 275 -19.58 -24.69 -8.56
C TYR A 275 -19.10 -23.32 -9.01
N SER A 276 -19.37 -23.01 -10.28
CA SER A 276 -18.76 -21.87 -10.95
C SER A 276 -19.77 -21.20 -11.88
N GLY A 277 -21.06 -21.49 -11.71
CA GLY A 277 -22.06 -21.12 -12.71
C GLY A 277 -21.89 -21.92 -13.98
N SER A 278 -21.94 -21.22 -15.13
CA SER A 278 -21.94 -21.94 -16.40
C SER A 278 -20.61 -22.63 -16.66
N ALA A 279 -19.53 -22.13 -16.06
CA ALA A 279 -18.22 -22.75 -16.24
C ALA A 279 -18.09 -24.07 -15.51
N SER A 280 -19.10 -24.49 -14.76
CA SER A 280 -18.99 -25.68 -13.94
C SER A 280 -18.89 -26.92 -14.83
N ALA A 281 -18.28 -27.96 -14.27
CA ALA A 281 -18.35 -29.27 -14.92
C ALA A 281 -19.81 -29.69 -15.07
N GLY A 282 -20.06 -30.51 -16.10
CA GLY A 282 -21.43 -30.91 -16.39
C GLY A 282 -22.11 -31.59 -15.22
N ALA A 283 -21.39 -32.46 -14.51
CA ALA A 283 -21.96 -33.13 -13.35
C ALA A 283 -22.28 -32.14 -12.25
N VAL A 284 -21.42 -31.13 -12.06
CA VAL A 284 -21.65 -30.15 -11.01
C VAL A 284 -22.89 -29.31 -11.33
N LYS A 285 -23.04 -28.91 -12.59
CA LYS A 285 -24.23 -28.17 -13.00
C LYS A 285 -25.50 -28.96 -12.72
N GLU A 286 -25.50 -30.26 -13.08
CA GLU A 286 -26.66 -31.10 -12.82
C GLU A 286 -26.86 -31.31 -11.33
N ALA A 287 -25.77 -31.50 -10.58
CA ALA A 287 -25.89 -31.76 -9.15
C ALA A 287 -26.53 -30.59 -8.42
N ILE A 288 -26.14 -29.36 -8.75
CA ILE A 288 -26.59 -28.18 -8.02
C ILE A 288 -27.74 -27.52 -8.75
N GLU A 289 -27.50 -27.04 -9.97
CA GLU A 289 -28.54 -26.32 -10.71
C GLU A 289 -29.69 -27.23 -11.12
N GLY A 290 -29.45 -28.54 -11.23
CA GLY A 290 -30.53 -29.45 -11.56
C GLY A 290 -31.45 -29.82 -10.42
N ALA A 291 -31.08 -29.49 -9.18
CA ALA A 291 -31.92 -29.78 -8.03
C ALA A 291 -33.10 -28.81 -8.00
N ASP A 292 -34.26 -29.33 -7.59
CA ASP A 292 -35.43 -28.45 -7.45
C ASP A 292 -35.34 -27.56 -6.23
N THR A 293 -34.47 -27.89 -5.26
CA THR A 293 -34.25 -27.05 -4.10
C THR A 293 -32.76 -27.03 -3.79
N VAL A 294 -32.19 -25.82 -3.74
CA VAL A 294 -30.78 -25.63 -3.43
C VAL A 294 -30.67 -24.80 -2.17
N LEU A 295 -29.95 -25.31 -1.18
CA LEU A 295 -29.69 -24.58 0.06
C LEU A 295 -28.38 -23.81 -0.10
N CYS A 296 -28.48 -22.48 -0.18
CA CYS A 296 -27.33 -21.62 -0.34
C CYS A 296 -26.95 -21.09 1.04
N ILE A 297 -25.83 -21.57 1.57
CA ILE A 297 -25.41 -21.27 2.93
C ILE A 297 -24.18 -20.37 2.85
N GLY A 298 -24.34 -19.11 3.28
CA GLY A 298 -23.22 -18.18 3.29
C GLY A 298 -22.63 -17.91 1.92
N THR A 299 -23.48 -17.72 0.92
CA THR A 299 -23.07 -17.60 -0.47
C THR A 299 -23.20 -16.17 -0.96
N ARG A 300 -22.19 -15.70 -1.70
CA ARG A 300 -22.24 -14.44 -2.42
C ARG A 300 -21.88 -14.72 -3.87
N PHE A 301 -22.83 -14.44 -4.78
CA PHE A 301 -22.66 -14.80 -6.19
C PHE A 301 -21.94 -13.66 -6.91
N THR A 302 -20.62 -13.61 -6.71
CA THR A 302 -19.79 -12.61 -7.33
C THR A 302 -19.53 -12.96 -8.80
N ASP A 303 -18.98 -12.00 -9.53
CA ASP A 303 -18.77 -12.18 -10.97
C ASP A 303 -17.80 -13.32 -11.26
N THR A 304 -16.68 -13.38 -10.52
CA THR A 304 -15.69 -14.43 -10.75
C THR A 304 -16.22 -15.80 -10.34
N LEU A 305 -16.89 -15.86 -9.19
CA LEU A 305 -17.37 -17.14 -8.67
C LEU A 305 -18.44 -17.76 -9.57
N THR A 306 -19.14 -16.94 -10.34
CA THR A 306 -20.23 -17.42 -11.18
C THR A 306 -19.91 -17.30 -12.67
N ALA A 307 -18.65 -17.06 -13.01
CA ALA A 307 -18.20 -16.93 -14.40
C ALA A 307 -19.05 -15.93 -15.18
N GLY A 308 -19.12 -14.71 -14.64
CA GLY A 308 -19.90 -13.66 -15.28
C GLY A 308 -21.37 -13.68 -14.95
N PHE A 309 -21.74 -14.09 -13.74
CA PHE A 309 -23.12 -14.14 -13.29
C PHE A 309 -23.99 -15.06 -14.14
N THR A 310 -23.37 -16.13 -14.66
CA THR A 310 -24.06 -17.11 -15.49
C THR A 310 -24.65 -18.26 -14.67
N HIS A 311 -24.69 -18.13 -13.35
CA HIS A 311 -25.36 -19.12 -12.51
C HIS A 311 -26.86 -19.09 -12.78
N GLN A 312 -27.49 -20.27 -12.74
CA GLN A 312 -28.92 -20.40 -12.97
C GLN A 312 -29.56 -20.99 -11.71
N LEU A 313 -29.89 -20.11 -10.77
CA LEU A 313 -30.60 -20.49 -9.55
C LEU A 313 -31.69 -19.47 -9.30
N THR A 314 -32.95 -19.91 -9.33
CA THR A 314 -34.06 -18.99 -9.18
C THR A 314 -34.40 -18.81 -7.70
N PRO A 315 -34.99 -17.67 -7.34
CA PRO A 315 -35.38 -17.48 -5.92
C PRO A 315 -36.30 -18.55 -5.38
N SER A 316 -37.26 -19.02 -6.19
CA SER A 316 -38.14 -20.10 -5.75
C SER A 316 -37.41 -21.43 -5.64
N GLN A 317 -36.29 -21.59 -6.35
CA GLN A 317 -35.50 -22.81 -6.28
C GLN A 317 -34.59 -22.87 -5.07
N THR A 318 -34.35 -21.74 -4.40
CA THR A 318 -33.30 -21.65 -3.40
C THR A 318 -33.85 -21.32 -2.02
N ILE A 319 -33.16 -21.84 -1.01
CA ILE A 319 -33.25 -21.34 0.36
C ILE A 319 -31.88 -20.79 0.70
N GLU A 320 -31.85 -19.54 1.18
CA GLU A 320 -30.61 -18.81 1.35
C GLU A 320 -30.41 -18.48 2.83
N VAL A 321 -29.18 -18.66 3.30
CA VAL A 321 -28.83 -18.36 4.68
C VAL A 321 -27.68 -17.36 4.66
N GLN A 322 -27.90 -16.21 5.30
CA GLN A 322 -26.88 -15.17 5.40
C GLN A 322 -26.61 -14.95 6.89
N PRO A 323 -25.58 -14.19 7.27
CA PRO A 323 -25.19 -14.14 8.69
C PRO A 323 -26.30 -13.74 9.64
N HIS A 324 -27.15 -12.79 9.28
CA HIS A 324 -28.22 -12.33 10.16
C HIS A 324 -29.61 -12.51 9.58
N ALA A 325 -29.73 -13.12 8.40
CA ALA A 325 -31.03 -13.25 7.77
C ALA A 325 -30.99 -14.43 6.82
N SER A 326 -32.14 -15.09 6.69
CA SER A 326 -32.30 -16.20 5.76
C SER A 326 -33.53 -15.95 4.91
N ARG A 327 -33.56 -16.57 3.74
CA ARG A 327 -34.62 -16.37 2.76
C ARG A 327 -35.17 -17.71 2.30
N VAL A 328 -36.50 -17.79 2.22
CA VAL A 328 -37.18 -18.92 1.61
C VAL A 328 -38.04 -18.35 0.48
N GLY A 329 -37.74 -18.75 -0.75
CA GLY A 329 -38.45 -18.21 -1.89
C GLY A 329 -38.22 -16.72 -2.01
N ASP A 330 -39.31 -15.95 -2.05
CA ASP A 330 -39.23 -14.50 -2.13
C ASP A 330 -39.27 -13.82 -0.76
N VAL A 331 -39.45 -14.59 0.31
CA VAL A 331 -39.65 -14.03 1.65
C VAL A 331 -38.35 -14.10 2.41
N TRP A 332 -37.96 -12.98 3.02
CA TRP A 332 -36.78 -12.91 3.87
C TRP A 332 -37.20 -12.96 5.34
N PHE A 333 -36.40 -13.65 6.14
CA PHE A 333 -36.61 -13.75 7.58
C PHE A 333 -35.36 -13.20 8.25
N THR A 334 -35.47 -12.00 8.81
CA THR A 334 -34.32 -11.27 9.31
C THR A 334 -34.24 -11.37 10.83
N GLY A 335 -33.04 -11.09 11.35
CA GLY A 335 -32.77 -11.27 12.77
C GLY A 335 -32.65 -12.72 13.19
N ILE A 336 -32.10 -13.56 12.31
CA ILE A 336 -31.85 -14.97 12.61
C ILE A 336 -30.38 -15.24 12.40
N PRO A 337 -29.63 -15.59 13.45
CA PRO A 337 -28.23 -15.99 13.24
C PRO A 337 -28.17 -17.17 12.29
N MET A 338 -27.16 -17.15 11.41
CA MET A 338 -27.02 -18.22 10.44
C MET A 338 -26.83 -19.58 11.11
N LEU A 339 -26.20 -19.60 12.28
CA LEU A 339 -26.04 -20.85 13.02
C LEU A 339 -27.39 -21.46 13.34
N GLN A 340 -28.34 -20.66 13.83
CA GLN A 340 -29.67 -21.20 14.14
C GLN A 340 -30.41 -21.58 12.87
N ALA A 341 -30.25 -20.78 11.81
CA ALA A 341 -30.85 -21.13 10.53
C ALA A 341 -30.30 -22.46 10.01
N ILE A 342 -29.00 -22.69 10.16
CA ILE A 342 -28.40 -23.94 9.70
C ILE A 342 -28.91 -25.11 10.54
N GLU A 343 -28.92 -24.94 11.87
CA GLU A 343 -29.44 -25.98 12.75
C GLU A 343 -30.89 -26.30 12.42
N THR A 344 -31.69 -25.28 12.11
CA THR A 344 -33.06 -25.50 11.66
C THR A 344 -33.09 -26.32 10.38
N LEU A 345 -32.30 -25.91 9.39
CA LEU A 345 -32.29 -26.61 8.11
C LEU A 345 -31.77 -28.03 8.25
N VAL A 346 -30.78 -28.25 9.12
CA VAL A 346 -30.26 -29.60 9.32
C VAL A 346 -31.34 -30.52 9.87
N GLU A 347 -32.01 -30.11 10.93
CA GLU A 347 -33.14 -30.87 11.48
C GLU A 347 -34.17 -31.15 10.39
N LEU A 348 -34.55 -30.12 9.63
CA LEU A 348 -35.55 -30.29 8.59
C LEU A 348 -35.08 -31.24 7.50
N CYS A 349 -33.81 -31.12 7.10
CA CYS A 349 -33.26 -32.00 6.08
C CYS A 349 -33.25 -33.46 6.54
N LYS A 350 -32.93 -33.70 7.82
CA LYS A 350 -32.99 -35.06 8.34
C LYS A 350 -34.38 -35.66 8.19
N GLN A 351 -35.41 -34.83 8.13
CA GLN A 351 -36.79 -35.30 8.01
C GLN A 351 -37.26 -35.45 6.56
N HIS A 352 -36.98 -34.47 5.69
CA HIS A 352 -37.68 -34.39 4.42
C HIS A 352 -36.85 -34.64 3.16
N VAL A 353 -35.53 -34.72 3.25
CA VAL A 353 -34.69 -34.99 2.07
C VAL A 353 -34.17 -36.41 2.15
N HIS A 354 -34.30 -37.15 1.03
CA HIS A 354 -33.96 -38.56 1.01
C HIS A 354 -33.10 -38.97 -0.18
N ASP A 355 -32.43 -38.03 -0.83
CA ASP A 355 -31.61 -38.40 -1.95
C ASP A 355 -30.47 -39.29 -1.49
N THR A 356 -29.99 -40.13 -2.39
CA THR A 356 -28.87 -41.04 -2.14
C THR A 356 -27.93 -40.79 -3.30
N PRO A 357 -26.97 -39.88 -3.13
CA PRO A 357 -26.14 -39.46 -4.26
C PRO A 357 -25.37 -40.63 -4.86
N VAL A 358 -25.65 -40.91 -6.12
CA VAL A 358 -24.95 -41.96 -6.85
C VAL A 358 -23.63 -41.41 -7.36
N PRO A 359 -22.50 -42.10 -7.11
CA PRO A 359 -21.14 -41.64 -7.47
C PRO A 359 -21.00 -41.28 -8.95
N PRO A 370 1.43 -36.62 -16.71
CA PRO A 370 2.78 -36.08 -16.93
C PRO A 370 3.54 -36.78 -18.05
N ASP A 371 4.29 -36.03 -18.88
CA ASP A 371 5.06 -36.58 -20.00
C ASP A 371 5.53 -35.56 -21.03
N GLY A 372 5.52 -34.27 -20.71
CA GLY A 372 5.96 -33.31 -21.70
C GLY A 372 6.14 -31.91 -21.18
N SER A 373 6.09 -30.96 -22.12
CA SER A 373 6.26 -29.55 -21.79
C SER A 373 5.14 -29.11 -20.87
N LEU A 374 5.51 -28.34 -19.85
CA LEU A 374 4.53 -27.87 -18.87
C LEU A 374 3.43 -27.06 -19.55
N THR A 375 2.20 -27.40 -19.22
CA THR A 375 1.01 -26.65 -19.59
C THR A 375 0.21 -26.44 -18.31
N GLN A 376 -0.75 -25.52 -18.38
CA GLN A 376 -1.69 -25.37 -17.27
C GLN A 376 -2.38 -26.69 -16.97
N ASP A 377 -2.75 -27.42 -18.02
CA ASP A 377 -3.48 -28.68 -17.84
C ASP A 377 -2.67 -29.69 -17.03
N ASN A 378 -1.44 -29.97 -17.46
CA ASN A 378 -0.65 -30.98 -16.75
C ASN A 378 -0.03 -30.46 -15.46
N PHE A 379 0.08 -29.14 -15.30
CA PHE A 379 0.53 -28.59 -14.02
C PHE A 379 -0.47 -28.89 -12.91
N TRP A 380 -1.75 -28.59 -13.16
CA TRP A 380 -2.76 -28.79 -12.13
C TRP A 380 -3.03 -30.27 -11.89
N LYS A 381 -2.97 -31.09 -12.95
CA LYS A 381 -3.04 -32.53 -12.76
C LYS A 381 -1.87 -33.04 -11.93
N THR A 382 -0.67 -32.53 -12.20
CA THR A 382 0.48 -32.90 -11.39
C THR A 382 0.33 -32.44 -9.95
N LEU A 383 -0.16 -31.22 -9.74
CA LEU A 383 -0.34 -30.72 -8.39
C LEU A 383 -1.43 -31.47 -7.65
N GLN A 384 -2.46 -31.95 -8.37
CA GLN A 384 -3.52 -32.71 -7.74
C GLN A 384 -2.98 -33.93 -7.01
N THR A 385 -2.03 -34.63 -7.63
CA THR A 385 -1.44 -35.81 -7.01
C THR A 385 -0.54 -35.47 -5.82
N PHE A 386 -0.20 -34.20 -5.64
CA PHE A 386 0.75 -33.77 -4.61
C PHE A 386 0.06 -33.34 -3.32
N ILE A 387 -1.14 -32.78 -3.40
CA ILE A 387 -1.80 -32.25 -2.22
C ILE A 387 -2.18 -33.39 -1.26
N ARG A 388 -2.20 -33.08 0.02
CA ARG A 388 -2.45 -34.06 1.07
C ARG A 388 -3.40 -33.46 2.10
N PRO A 389 -4.04 -34.30 2.92
CA PRO A 389 -4.81 -33.79 4.05
C PRO A 389 -3.93 -32.97 4.99
N GLY A 390 -4.52 -31.92 5.56
CA GLY A 390 -3.81 -31.02 6.43
C GLY A 390 -3.15 -29.85 5.72
N ASP A 391 -3.18 -29.83 4.39
CA ASP A 391 -2.51 -28.77 3.63
C ASP A 391 -3.22 -27.44 3.79
N ILE A 392 -2.43 -26.37 3.81
CA ILE A 392 -2.94 -25.01 3.67
C ILE A 392 -2.53 -24.54 2.27
N ILE A 393 -3.51 -24.35 1.40
CA ILE A 393 -3.27 -24.03 0.00
C ILE A 393 -3.76 -22.61 -0.26
N LEU A 394 -2.88 -21.74 -0.73
CA LEU A 394 -3.23 -20.38 -1.09
C LEU A 394 -2.96 -20.17 -2.57
N ALA A 395 -3.93 -19.59 -3.27
CA ALA A 395 -3.82 -19.35 -4.70
C ALA A 395 -4.16 -17.89 -4.99
N ASP A 396 -3.29 -17.23 -5.76
CA ASP A 396 -3.51 -15.82 -6.05
C ASP A 396 -4.34 -15.66 -7.32
N GLN A 397 -4.94 -14.47 -7.46
CA GLN A 397 -5.74 -14.16 -8.63
C GLN A 397 -4.88 -14.22 -9.89
N GLY A 398 -5.50 -14.67 -10.97
CA GLY A 398 -4.75 -15.08 -12.14
C GLY A 398 -4.98 -16.55 -12.42
N THR A 399 -4.13 -17.15 -13.26
CA THR A 399 -4.30 -18.56 -13.56
C THR A 399 -4.14 -19.45 -12.34
N SER A 400 -3.47 -18.96 -11.28
CA SER A 400 -3.27 -19.78 -10.09
C SER A 400 -4.60 -20.07 -9.40
N ALA A 401 -5.38 -19.03 -9.11
CA ALA A 401 -6.68 -19.25 -8.46
C ALA A 401 -7.66 -19.90 -9.42
N PHE A 402 -7.68 -19.44 -10.67
CA PHE A 402 -8.66 -19.95 -11.62
C PHE A 402 -8.31 -21.37 -12.08
N GLY A 403 -7.08 -21.80 -11.86
CA GLY A 403 -6.69 -23.18 -12.11
C GLY A 403 -6.83 -24.04 -10.87
N ALA A 404 -6.51 -23.48 -9.70
CA ALA A 404 -6.61 -24.24 -8.47
C ALA A 404 -8.04 -24.63 -8.13
N ILE A 405 -9.03 -23.96 -8.73
CA ILE A 405 -10.42 -24.30 -8.48
C ILE A 405 -10.73 -25.73 -8.89
N ASP A 406 -9.93 -26.32 -9.77
CA ASP A 406 -10.18 -27.66 -10.25
C ASP A 406 -9.53 -28.73 -9.39
N LEU A 407 -8.77 -28.35 -8.37
CA LEU A 407 -8.19 -29.33 -7.46
C LEU A 407 -9.30 -30.03 -6.69
N ARG A 408 -9.13 -31.34 -6.49
CA ARG A 408 -10.03 -32.11 -5.64
C ARG A 408 -9.39 -32.16 -4.26
N LEU A 409 -9.90 -31.33 -3.36
CA LEU A 409 -9.27 -31.16 -2.05
C LEU A 409 -9.55 -32.36 -1.15
N PRO A 410 -8.54 -32.95 -0.52
CA PRO A 410 -8.80 -33.96 0.51
C PRO A 410 -9.30 -33.34 1.80
N ALA A 411 -9.41 -34.16 2.84
CA ALA A 411 -9.93 -33.69 4.12
C ALA A 411 -8.96 -32.71 4.79
N ASP A 412 -9.52 -31.83 5.61
CA ASP A 412 -8.76 -30.94 6.49
C ASP A 412 -7.80 -30.04 5.70
N VAL A 413 -8.28 -29.52 4.57
CA VAL A 413 -7.50 -28.58 3.77
C VAL A 413 -8.08 -27.18 3.98
N ASN A 414 -7.21 -26.22 4.25
CA ASN A 414 -7.58 -24.82 4.34
C ASN A 414 -7.18 -24.16 3.03
N PHE A 415 -8.16 -23.86 2.20
CA PHE A 415 -7.95 -23.31 0.86
C PHE A 415 -8.22 -21.81 0.93
N ILE A 416 -7.16 -21.01 0.79
CA ILE A 416 -7.23 -19.57 0.99
C ILE A 416 -7.14 -18.90 -0.37
N VAL A 417 -8.25 -18.32 -0.82
CA VAL A 417 -8.31 -17.56 -2.06
C VAL A 417 -9.12 -16.30 -1.82
N GLN A 418 -8.84 -15.26 -2.61
CA GLN A 418 -9.45 -13.94 -2.43
C GLN A 418 -10.03 -13.45 -3.76
N PRO A 419 -11.08 -14.11 -4.25
CA PRO A 419 -11.61 -13.77 -5.58
C PRO A 419 -12.57 -12.59 -5.59
N LEU A 420 -13.11 -12.19 -4.44
CA LEU A 420 -13.99 -11.03 -4.45
C LEU A 420 -13.19 -9.73 -4.43
N TRP A 421 -12.28 -9.58 -3.47
CA TRP A 421 -11.38 -8.43 -3.49
C TRP A 421 -10.39 -8.54 -4.65
N GLY A 422 -9.76 -9.70 -4.79
CA GLY A 422 -8.90 -9.98 -5.93
C GLY A 422 -7.59 -9.20 -6.02
N SER A 423 -6.93 -8.97 -4.89
CA SER A 423 -5.70 -8.19 -4.86
C SER A 423 -4.51 -9.12 -5.05
N ILE A 424 -3.83 -9.02 -6.21
CA ILE A 424 -2.65 -9.85 -6.43
C ILE A 424 -1.51 -9.38 -5.53
N GLY A 425 -0.67 -10.34 -5.15
CA GLY A 425 0.31 -10.14 -4.10
C GLY A 425 -0.17 -10.57 -2.73
N TYR A 426 -1.48 -10.67 -2.53
CA TYR A 426 -2.02 -11.11 -1.24
C TYR A 426 -1.51 -12.50 -0.86
N THR A 427 -1.48 -13.41 -1.82
CA THR A 427 -1.27 -14.82 -1.50
C THR A 427 0.09 -15.06 -0.86
N LEU A 428 1.15 -14.46 -1.40
CA LEU A 428 2.48 -14.71 -0.84
C LEU A 428 2.60 -14.17 0.57
N ALA A 429 2.10 -12.96 0.82
CA ALA A 429 2.16 -12.41 2.17
C ALA A 429 1.17 -13.11 3.09
N ALA A 430 0.00 -13.49 2.57
CA ALA A 430 -0.97 -14.22 3.39
C ALA A 430 -0.44 -15.59 3.78
N ALA A 431 0.35 -16.21 2.90
CA ALA A 431 0.98 -17.48 3.23
C ALA A 431 1.88 -17.35 4.45
N PHE A 432 2.63 -16.25 4.53
CA PHE A 432 3.48 -16.00 5.70
C PHE A 432 2.64 -15.92 6.97
N GLY A 433 1.50 -15.25 6.91
CA GLY A 433 0.61 -15.21 8.06
C GLY A 433 0.03 -16.57 8.40
N ALA A 434 -0.39 -17.32 7.37
CA ALA A 434 -0.94 -18.66 7.59
C ALA A 434 0.10 -19.59 8.19
N GLN A 435 1.32 -19.57 7.67
CA GLN A 435 2.37 -20.42 8.22
C GLN A 435 2.70 -20.02 9.66
N THR A 436 2.65 -18.72 9.95
CA THR A 436 2.79 -18.26 11.33
C THR A 436 1.67 -18.82 12.21
N ALA A 437 0.44 -18.82 11.68
CA ALA A 437 -0.69 -19.35 12.45
C ALA A 437 -0.54 -20.84 12.72
N CYS A 438 -0.10 -21.60 11.73
CA CYS A 438 -0.01 -23.06 11.80
C CYS A 438 1.40 -23.50 11.44
N PRO A 439 2.36 -23.31 12.35
CA PRO A 439 3.75 -23.66 12.03
C PRO A 439 3.97 -25.13 11.74
N ASN A 440 3.06 -26.00 12.16
CA ASN A 440 3.21 -27.44 11.99
C ASN A 440 2.45 -27.98 10.80
N ARG A 441 1.79 -27.13 10.01
CA ARG A 441 1.05 -27.56 8.83
C ARG A 441 1.81 -27.18 7.57
N ARG A 442 1.63 -27.98 6.52
CA ARG A 442 2.30 -27.75 5.25
C ARG A 442 1.56 -26.69 4.46
N VAL A 443 2.25 -25.63 4.07
CA VAL A 443 1.67 -24.50 3.37
C VAL A 443 2.15 -24.53 1.92
N ILE A 444 1.20 -24.59 0.99
CA ILE A 444 1.49 -24.60 -0.44
C ILE A 444 1.02 -23.27 -1.01
N VAL A 445 1.93 -22.53 -1.63
CA VAL A 445 1.67 -21.20 -2.17
C VAL A 445 1.64 -21.28 -3.68
N LEU A 446 0.50 -20.96 -4.27
CA LEU A 446 0.33 -20.93 -5.73
C LEU A 446 0.18 -19.47 -6.13
N THR A 447 1.26 -18.88 -6.63
CA THR A 447 1.24 -17.47 -7.00
C THR A 447 1.80 -17.28 -8.40
N GLY A 448 1.19 -16.37 -9.15
CA GLY A 448 1.75 -15.99 -10.42
C GLY A 448 3.00 -15.17 -10.27
N ASP A 449 3.78 -15.07 -11.36
CA ASP A 449 4.98 -14.25 -11.31
C ASP A 449 4.64 -12.77 -11.14
N GLY A 450 3.55 -12.32 -11.78
CA GLY A 450 3.13 -10.95 -11.59
C GLY A 450 2.73 -10.67 -10.15
N ALA A 451 1.93 -11.57 -9.56
CA ALA A 451 1.44 -11.35 -8.20
C ALA A 451 2.58 -11.32 -7.19
N ALA A 452 3.56 -12.21 -7.34
CA ALA A 452 4.64 -12.31 -6.34
C ALA A 452 5.52 -11.05 -6.34
N GLN A 453 5.61 -10.34 -7.46
CA GLN A 453 6.41 -9.13 -7.49
C GLN A 453 5.87 -8.09 -6.52
N LEU A 454 4.56 -8.07 -6.29
CA LEU A 454 3.96 -7.00 -5.49
C LEU A 454 4.32 -7.12 -4.02
N THR A 455 4.57 -8.33 -3.53
CA THR A 455 4.79 -8.57 -2.11
C THR A 455 6.01 -9.43 -1.85
N ILE A 456 6.99 -9.38 -2.75
CA ILE A 456 8.11 -10.33 -2.70
C ILE A 456 8.90 -10.20 -1.41
N GLN A 457 8.91 -9.02 -0.79
CA GLN A 457 9.78 -8.82 0.36
C GLN A 457 9.37 -9.66 1.56
N GLU A 458 8.13 -10.15 1.61
CA GLU A 458 7.72 -11.02 2.71
C GLU A 458 8.30 -12.42 2.57
N LEU A 459 8.85 -12.77 1.41
CA LEU A 459 9.65 -13.99 1.33
C LEU A 459 10.83 -13.92 2.29
N GLY A 460 11.39 -12.72 2.48
CA GLY A 460 12.43 -12.55 3.47
C GLY A 460 11.94 -12.79 4.88
N SER A 461 10.69 -12.41 5.15
CA SER A 461 10.10 -12.70 6.46
C SER A 461 9.95 -14.20 6.69
N MET A 462 9.49 -14.93 5.66
CA MET A 462 9.45 -16.38 5.76
C MET A 462 10.82 -16.96 6.05
N LEU A 463 11.84 -16.49 5.32
CA LEU A 463 13.20 -17.00 5.52
C LEU A 463 13.74 -16.63 6.89
N ARG A 464 13.46 -15.40 7.34
CA ARG A 464 13.92 -14.97 8.65
C ARG A 464 13.32 -15.84 9.75
N ASP A 465 12.05 -16.20 9.62
CA ASP A 465 11.34 -17.01 10.60
C ASP A 465 11.46 -18.50 10.33
N LYS A 466 12.34 -18.90 9.40
CA LYS A 466 12.66 -20.30 9.14
C LYS A 466 11.42 -21.10 8.74
N GLN A 467 10.48 -20.47 8.04
CA GLN A 467 9.31 -21.19 7.56
C GLN A 467 9.67 -22.09 6.39
N HIS A 468 8.84 -23.11 6.17
CA HIS A 468 9.07 -24.08 5.10
C HIS A 468 7.85 -24.21 4.19
N PRO A 469 7.42 -23.11 3.56
CA PRO A 469 6.35 -23.22 2.57
C PRO A 469 6.90 -23.78 1.26
N ILE A 470 5.99 -24.35 0.47
CA ILE A 470 6.29 -24.76 -0.89
C ILE A 470 5.70 -23.69 -1.81
N ILE A 471 6.57 -22.85 -2.36
CA ILE A 471 6.16 -21.72 -3.18
C ILE A 471 6.32 -22.11 -4.64
N LEU A 472 5.22 -22.15 -5.38
CA LEU A 472 5.23 -22.42 -6.81
C LEU A 472 4.91 -21.11 -7.54
N VAL A 473 5.89 -20.59 -8.26
CA VAL A 473 5.73 -19.36 -9.03
C VAL A 473 5.39 -19.77 -10.45
N LEU A 474 4.18 -19.42 -10.89
CA LEU A 474 3.74 -19.74 -12.26
C LEU A 474 4.37 -18.70 -13.18
N ASN A 475 5.54 -19.03 -13.72
CA ASN A 475 6.30 -18.11 -14.56
C ASN A 475 5.81 -18.26 -15.99
N ASN A 476 4.81 -17.45 -16.34
CA ASN A 476 4.36 -17.32 -17.72
C ASN A 476 4.83 -16.01 -18.34
N GLU A 477 5.76 -15.32 -17.70
CA GLU A 477 6.36 -14.08 -18.20
C GLU A 477 5.30 -13.02 -18.47
N GLY A 478 4.58 -12.66 -17.41
CA GLY A 478 3.70 -11.52 -17.50
C GLY A 478 2.35 -11.81 -16.92
N TYR A 479 1.40 -10.95 -17.24
CA TYR A 479 0.03 -11.00 -16.71
C TYR A 479 -0.84 -11.79 -17.68
N THR A 480 -0.81 -13.12 -17.53
CA THR A 480 -1.49 -13.98 -18.51
C THR A 480 -2.99 -13.79 -18.49
N VAL A 481 -3.60 -13.66 -17.31
CA VAL A 481 -5.05 -13.45 -17.24
C VAL A 481 -5.43 -12.16 -17.96
N LEU A 482 -4.65 -11.09 -17.75
CA LEU A 482 -4.88 -9.85 -18.48
C LEU A 482 -4.70 -10.05 -19.98
N ARG A 483 -3.67 -10.80 -20.37
CA ARG A 483 -3.46 -11.11 -21.78
C ARG A 483 -4.68 -11.78 -22.39
N ALA A 484 -5.29 -12.71 -21.65
CA ALA A 484 -6.46 -13.40 -22.16
C ALA A 484 -7.69 -12.50 -22.20
N ILE A 485 -7.72 -11.45 -21.37
CA ILE A 485 -8.85 -10.52 -21.38
C ILE A 485 -8.71 -9.52 -22.51
N HIS A 486 -7.55 -8.86 -22.61
CA HIS A 486 -7.37 -7.81 -23.61
C HIS A 486 -5.89 -7.55 -23.86
N GLY A 487 -5.54 -7.41 -25.13
CA GLY A 487 -4.20 -7.05 -25.54
C GLY A 487 -3.14 -8.06 -25.14
N PRO A 488 -3.24 -9.28 -25.67
CA PRO A 488 -2.23 -10.30 -25.32
C PRO A 488 -0.81 -9.92 -25.71
N GLU A 489 -0.63 -9.24 -26.84
CA GLU A 489 0.68 -8.79 -27.29
C GLU A 489 1.02 -7.37 -26.85
N GLN A 490 0.22 -6.77 -25.96
CA GLN A 490 0.48 -5.42 -25.50
C GLN A 490 1.52 -5.42 -24.40
N ARG A 491 2.34 -4.37 -24.38
CA ARG A 491 3.50 -4.34 -23.49
C ARG A 491 3.09 -4.09 -22.03
N TYR A 492 1.92 -3.50 -21.78
CA TYR A 492 1.50 -3.32 -20.40
C TYR A 492 1.18 -4.64 -19.72
N ASN A 493 1.00 -5.72 -20.48
CA ASN A 493 0.82 -7.04 -19.90
C ASN A 493 2.14 -7.75 -19.62
N ASP A 494 3.26 -7.16 -20.03
CA ASP A 494 4.57 -7.68 -19.68
C ASP A 494 4.97 -7.23 -18.28
N ILE A 495 5.94 -7.94 -17.71
CA ILE A 495 6.52 -7.60 -16.42
C ILE A 495 8.03 -7.68 -16.52
N ALA A 496 8.71 -7.05 -15.57
CA ALA A 496 10.15 -7.27 -15.43
C ALA A 496 10.39 -8.75 -15.15
N LEU A 497 11.36 -9.33 -15.86
CA LEU A 497 11.60 -10.77 -15.78
C LEU A 497 12.61 -11.03 -14.67
N TRP A 498 12.14 -11.63 -13.59
CA TRP A 498 12.97 -11.87 -12.42
C TRP A 498 13.67 -13.21 -12.48
N ASN A 499 14.72 -13.34 -11.68
CA ASN A 499 15.46 -14.59 -11.53
C ASN A 499 15.00 -15.26 -10.24
N TRP A 500 13.88 -15.98 -10.34
CA TRP A 500 13.13 -16.39 -9.15
C TRP A 500 13.95 -17.28 -8.23
N THR A 501 14.73 -18.22 -8.79
CA THR A 501 15.49 -19.14 -7.94
C THR A 501 16.61 -18.43 -7.19
N GLN A 502 16.92 -17.18 -7.53
CA GLN A 502 17.94 -16.40 -6.85
C GLN A 502 17.38 -15.52 -5.73
N ILE A 503 16.07 -15.44 -5.60
CA ILE A 503 15.44 -14.51 -4.66
C ILE A 503 15.71 -14.89 -3.21
N PRO A 504 15.57 -16.16 -2.79
CA PRO A 504 15.91 -16.49 -1.40
C PRO A 504 17.35 -16.15 -1.05
N GLN A 505 18.28 -16.35 -1.98
CA GLN A 505 19.68 -16.04 -1.71
C GLN A 505 19.93 -14.55 -1.59
N ALA A 506 19.07 -13.72 -2.18
CA ALA A 506 19.20 -12.28 -2.05
C ALA A 506 18.50 -11.75 -0.81
N LEU A 507 17.41 -12.38 -0.38
CA LEU A 507 16.60 -11.88 0.73
C LEU A 507 16.96 -12.55 2.06
N SER A 508 18.07 -13.28 2.12
CA SER A 508 18.51 -13.90 3.35
C SER A 508 20.01 -14.11 3.29
N LEU A 509 20.66 -14.00 4.45
CA LEU A 509 22.10 -14.25 4.53
C LEU A 509 22.43 -15.73 4.59
N ASP A 510 21.44 -16.57 4.80
CA ASP A 510 21.68 -18.00 4.85
C ASP A 510 20.33 -18.63 4.78
N PRO A 511 19.79 -18.69 3.60
CA PRO A 511 18.43 -19.19 3.49
C PRO A 511 18.23 -20.65 3.72
N GLN A 512 17.27 -21.03 4.53
CA GLN A 512 16.99 -22.45 4.70
C GLN A 512 15.99 -22.81 3.63
N ALA A 513 16.47 -22.96 2.39
CA ALA A 513 15.62 -23.14 1.27
C ALA A 513 16.33 -23.72 0.12
N GLN A 514 15.55 -24.29 -0.76
CA GLN A 514 16.05 -24.82 -1.96
C GLN A 514 15.11 -24.45 -3.04
N CYS A 515 15.66 -24.20 -4.20
CA CYS A 515 14.87 -23.80 -5.38
C CYS A 515 15.13 -24.54 -6.67
N TRP A 516 14.12 -24.64 -7.48
CA TRP A 516 14.20 -25.33 -8.76
C TRP A 516 13.47 -24.52 -9.81
N ARG A 517 13.92 -24.64 -11.06
CA ARG A 517 13.22 -24.10 -12.22
C ARG A 517 12.85 -25.27 -13.10
N VAL A 518 11.55 -25.49 -13.29
CA VAL A 518 11.04 -26.65 -14.03
C VAL A 518 10.31 -26.17 -15.27
N SER A 519 10.50 -26.89 -16.38
CA SER A 519 9.79 -26.64 -17.63
C SER A 519 9.07 -27.86 -18.19
N GLU A 520 9.25 -29.04 -17.59
CA GLU A 520 8.61 -30.26 -18.02
C GLU A 520 7.76 -30.84 -16.89
N ALA A 521 6.70 -31.55 -17.28
CA ALA A 521 5.78 -32.11 -16.29
C ALA A 521 6.48 -33.13 -15.41
N GLU A 522 7.36 -33.96 -16.00
CA GLU A 522 8.11 -34.93 -15.20
C GLU A 522 9.07 -34.23 -14.24
N GLN A 523 9.69 -33.13 -14.68
CA GLN A 523 10.56 -32.38 -13.78
C GLN A 523 9.78 -31.89 -12.56
N LEU A 524 8.62 -31.28 -12.80
CA LEU A 524 7.83 -30.74 -11.69
C LEU A 524 7.43 -31.85 -10.72
N ALA A 525 6.93 -32.97 -11.25
CA ALA A 525 6.54 -34.09 -10.40
C ALA A 525 7.73 -34.62 -9.63
N ASP A 526 8.89 -34.71 -10.28
CA ASP A 526 10.10 -35.14 -9.60
C ASP A 526 10.50 -34.15 -8.49
N VAL A 527 10.43 -32.84 -8.78
CA VAL A 527 10.75 -31.84 -7.76
C VAL A 527 9.72 -31.86 -6.63
N LEU A 528 8.43 -31.98 -6.96
CA LEU A 528 7.42 -32.05 -5.91
C LEU A 528 7.65 -33.27 -5.04
N GLU A 529 8.15 -34.36 -5.64
CA GLU A 529 8.57 -35.52 -4.87
C GLU A 529 9.69 -35.16 -3.89
N LYS A 530 10.66 -34.38 -4.37
CA LYS A 530 11.81 -34.01 -3.53
C LYS A 530 11.38 -33.20 -2.31
N VAL A 531 10.48 -32.26 -2.51
CA VAL A 531 10.09 -31.34 -1.44
C VAL A 531 9.03 -31.80 -0.49
N ALA A 532 8.28 -32.81 -0.89
CA ALA A 532 7.15 -33.37 -0.16
C ALA A 532 7.01 -33.16 1.35
N HIS A 533 8.06 -33.45 2.13
CA HIS A 533 7.93 -33.22 3.56
C HIS A 533 8.47 -31.91 4.04
N HIS A 534 8.52 -30.93 3.13
CA HIS A 534 8.93 -29.55 3.35
C HIS A 534 9.88 -29.30 4.47
N GLU A 535 11.04 -29.88 4.34
CA GLU A 535 12.13 -29.73 5.29
C GLU A 535 12.76 -28.35 5.23
N ARG A 536 12.67 -27.67 4.07
CA ARG A 536 13.12 -26.30 3.89
C ARG A 536 12.09 -25.56 3.05
N LEU A 537 12.23 -24.24 3.02
CA LEU A 537 11.43 -23.45 2.10
C LEU A 537 11.77 -23.86 0.67
N SER A 538 10.73 -24.05 -0.14
CA SER A 538 10.89 -24.49 -1.51
C SER A 538 10.28 -23.45 -2.44
N LEU A 539 11.08 -23.00 -3.41
CA LEU A 539 10.62 -22.10 -4.45
C LEU A 539 10.76 -22.83 -5.77
N ILE A 540 9.63 -23.18 -6.36
CA ILE A 540 9.58 -23.90 -7.64
C ILE A 540 9.12 -22.91 -8.71
N GLU A 541 10.04 -22.53 -9.59
CA GLU A 541 9.72 -21.64 -10.70
C GLU A 541 9.16 -22.49 -11.83
N VAL A 542 7.88 -22.34 -12.11
CA VAL A 542 7.17 -23.18 -13.06
C VAL A 542 7.06 -22.43 -14.38
N MET A 543 7.78 -22.89 -15.40
CA MET A 543 7.77 -22.23 -16.70
C MET A 543 6.54 -22.67 -17.48
N LEU A 544 5.65 -21.73 -17.76
CA LEU A 544 4.38 -21.99 -18.42
C LEU A 544 4.20 -21.07 -19.61
N PRO A 545 3.44 -21.51 -20.62
CA PRO A 545 3.25 -20.68 -21.82
C PRO A 545 2.56 -19.36 -21.51
N LYS A 546 2.92 -18.34 -22.30
CA LYS A 546 2.38 -17.00 -22.09
C LYS A 546 0.86 -16.96 -22.22
N ALA A 547 0.31 -17.76 -23.13
CA ALA A 547 -1.11 -17.71 -23.44
C ALA A 547 -1.89 -18.88 -22.85
N ASP A 548 -1.27 -19.71 -22.01
CA ASP A 548 -1.94 -20.89 -21.49
C ASP A 548 -2.92 -20.52 -20.39
N ILE A 549 -4.13 -21.07 -20.48
CA ILE A 549 -5.26 -20.59 -19.68
C ILE A 549 -5.96 -21.79 -19.03
N PRO A 550 -6.26 -21.73 -17.72
CA PRO A 550 -7.07 -22.79 -17.09
C PRO A 550 -8.50 -22.76 -17.60
N PRO A 551 -9.22 -23.89 -17.52
CA PRO A 551 -10.57 -23.93 -18.11
C PRO A 551 -11.53 -22.86 -17.59
N LEU A 552 -11.51 -22.56 -16.29
CA LEU A 552 -12.46 -21.59 -15.74
C LEU A 552 -12.25 -20.22 -16.34
N LEU A 553 -10.99 -19.80 -16.51
CA LEU A 553 -10.70 -18.46 -16.99
C LEU A 553 -11.09 -18.32 -18.47
N GLY A 554 -10.96 -19.40 -19.23
CA GLY A 554 -11.46 -19.37 -20.61
C GLY A 554 -12.95 -19.09 -20.67
N ALA A 555 -13.72 -19.67 -19.74
CA ALA A 555 -15.14 -19.41 -19.70
C ALA A 555 -15.44 -18.00 -19.17
N ILE A 556 -14.61 -17.49 -18.27
CA ILE A 556 -14.81 -16.13 -17.78
C ILE A 556 -14.54 -15.12 -18.90
N THR A 557 -13.52 -15.38 -19.71
CA THR A 557 -13.25 -14.52 -20.86
C THR A 557 -14.37 -14.65 -21.89
N LYS A 558 -14.88 -15.87 -22.07
CA LYS A 558 -15.95 -16.11 -23.04
C LYS A 558 -17.23 -15.39 -22.63
N ALA A 559 -17.43 -15.15 -21.33
CA ALA A 559 -18.60 -14.43 -20.86
C ALA A 559 -18.39 -12.93 -20.74
N LEU A 560 -17.17 -12.44 -20.97
CA LEU A 560 -16.92 -11.01 -20.86
C LEU A 560 -17.40 -10.22 -22.08
N GLU A 561 -17.71 -10.91 -23.18
CA GLU A 561 -18.09 -10.22 -24.41
C GLU A 561 -19.51 -9.67 -24.26
N ALA A 562 -19.64 -8.35 -24.20
CA ALA A 562 -20.92 -7.68 -24.04
C ALA A 562 -21.68 -8.20 -22.82
N THR B 17 -10.26 3.64 -34.38
CA THR B 17 -9.84 4.32 -33.16
C THR B 17 -10.12 5.83 -33.19
N PRO B 18 -11.40 6.22 -33.14
CA PRO B 18 -11.71 7.66 -33.11
C PRO B 18 -11.32 8.28 -31.79
N TYR B 19 -11.04 9.59 -31.84
CA TYR B 19 -10.60 10.32 -30.67
C TYR B 19 -11.70 10.30 -29.60
N CYS B 20 -11.31 9.98 -28.38
CA CYS B 20 -12.27 9.76 -27.30
C CYS B 20 -11.76 10.40 -26.01
N VAL B 21 -12.53 10.20 -24.94
CA VAL B 21 -12.21 10.78 -23.65
C VAL B 21 -10.82 10.34 -23.18
N ALA B 22 -10.49 9.07 -23.42
CA ALA B 22 -9.16 8.57 -23.03
C ALA B 22 -8.05 9.36 -23.71
N ASP B 23 -8.20 9.65 -25.01
CA ASP B 23 -7.20 10.45 -25.70
C ASP B 23 -7.19 11.88 -25.17
N TYR B 24 -8.37 12.42 -24.82
CA TYR B 24 -8.42 13.77 -24.28
C TYR B 24 -7.67 13.86 -22.95
N LEU B 25 -7.85 12.89 -22.07
CA LEU B 25 -7.14 12.88 -20.80
C LEU B 25 -5.63 12.84 -21.02
N LEU B 26 -5.18 11.99 -21.94
CA LEU B 26 -3.76 11.93 -22.25
C LEU B 26 -3.25 13.23 -22.85
N ASP B 27 -4.05 13.84 -23.75
CA ASP B 27 -3.63 15.10 -24.34
C ASP B 27 -3.46 16.17 -23.27
N ARG B 28 -4.41 16.25 -22.33
CA ARG B 28 -4.30 17.22 -21.25
C ARG B 28 -3.17 16.86 -20.30
N LEU B 29 -2.91 15.56 -20.12
CA LEU B 29 -1.83 15.11 -19.24
C LEU B 29 -0.47 15.61 -19.72
N THR B 30 -0.21 15.50 -21.04
CA THR B 30 1.05 16.02 -21.57
C THR B 30 1.13 17.53 -21.44
N ASP B 31 -0.01 18.22 -21.62
CA ASP B 31 -0.02 19.67 -21.46
C ASP B 31 0.49 20.09 -20.10
N CYS B 32 0.19 19.31 -19.06
CA CYS B 32 0.58 19.65 -17.69
C CYS B 32 2.03 19.32 -17.38
N GLY B 33 2.72 18.58 -18.26
CA GLY B 33 4.13 18.33 -18.08
C GLY B 33 4.51 16.87 -17.88
N ALA B 34 3.56 15.94 -17.86
CA ALA B 34 3.89 14.53 -17.67
C ALA B 34 4.11 13.89 -19.03
N ASP B 35 5.25 13.20 -19.19
CA ASP B 35 5.54 12.45 -20.39
C ASP B 35 5.49 10.95 -20.16
N HIS B 36 5.19 10.52 -18.94
CA HIS B 36 5.08 9.12 -18.59
C HIS B 36 3.88 8.92 -17.68
N LEU B 37 3.31 7.73 -17.75
CA LEU B 37 2.24 7.32 -16.85
C LEU B 37 2.69 6.06 -16.11
N PHE B 38 2.73 6.14 -14.79
CA PHE B 38 3.13 5.04 -13.93
C PHE B 38 1.90 4.28 -13.44
N GLY B 39 2.06 3.00 -13.16
CA GLY B 39 1.00 2.28 -12.49
C GLY B 39 1.06 0.78 -12.76
N VAL B 40 -0.07 0.13 -12.52
CA VAL B 40 -0.21 -1.32 -12.68
C VAL B 40 -1.52 -1.57 -13.41
N PRO B 41 -1.53 -2.42 -14.45
CA PRO B 41 -2.77 -2.65 -15.19
C PRO B 41 -3.77 -3.49 -14.41
N GLY B 42 -5.01 -3.40 -14.84
CA GLY B 42 -6.07 -4.28 -14.38
C GLY B 42 -7.11 -4.33 -15.48
N ASP B 43 -8.03 -5.30 -15.37
CA ASP B 43 -9.01 -5.47 -16.43
C ASP B 43 -9.86 -4.22 -16.60
N TYR B 44 -10.06 -3.44 -15.54
CA TYR B 44 -10.84 -2.22 -15.65
C TYR B 44 -10.10 -1.11 -16.39
N ASN B 45 -8.78 -1.24 -16.63
CA ASN B 45 -8.06 -0.17 -17.29
C ASN B 45 -7.26 -0.63 -18.50
N LEU B 46 -7.47 -1.84 -19.00
CA LEU B 46 -6.68 -2.30 -20.14
C LEU B 46 -6.98 -1.52 -21.42
N GLN B 47 -8.25 -1.16 -21.66
CA GLN B 47 -8.59 -0.50 -22.92
C GLN B 47 -8.12 0.95 -22.97
N PHE B 48 -8.16 1.65 -21.83
CA PHE B 48 -7.51 2.95 -21.70
C PHE B 48 -6.02 2.83 -21.94
N LEU B 49 -5.43 1.73 -21.49
CA LEU B 49 -3.99 1.56 -21.63
C LEU B 49 -3.60 1.45 -23.09
N ASP B 50 -4.49 0.94 -23.94
CA ASP B 50 -4.23 0.93 -25.38
C ASP B 50 -3.97 2.34 -25.89
N HIS B 51 -4.74 3.31 -25.40
CA HIS B 51 -4.53 4.70 -25.81
C HIS B 51 -3.20 5.23 -25.27
N VAL B 52 -2.75 4.74 -24.12
CA VAL B 52 -1.43 5.14 -23.62
C VAL B 52 -0.34 4.55 -24.51
N ILE B 53 -0.46 3.28 -24.86
CA ILE B 53 0.50 2.63 -25.74
C ILE B 53 0.53 3.33 -27.09
N ASP B 54 -0.65 3.60 -27.64
CA ASP B 54 -0.74 4.23 -28.95
C ASP B 54 -0.34 5.69 -28.94
N SER B 55 -0.42 6.36 -27.78
CA SER B 55 -0.10 7.77 -27.73
C SER B 55 1.39 7.99 -28.02
N PRO B 56 1.72 8.98 -28.84
CA PRO B 56 3.14 9.31 -29.10
C PRO B 56 3.74 10.28 -28.09
N ASP B 57 2.95 10.77 -27.13
CA ASP B 57 3.41 11.79 -26.21
C ASP B 57 3.59 11.30 -24.78
N ILE B 58 2.99 10.18 -24.41
CA ILE B 58 3.09 9.65 -23.06
C ILE B 58 3.53 8.19 -23.11
N CYS B 59 4.49 7.83 -22.27
CA CYS B 59 5.07 6.49 -22.25
C CYS B 59 4.57 5.74 -21.01
N TRP B 60 3.97 4.57 -21.24
CA TRP B 60 3.53 3.74 -20.13
C TRP B 60 4.73 3.16 -19.39
N VAL B 61 4.73 3.27 -18.07
CA VAL B 61 5.78 2.73 -17.22
C VAL B 61 5.11 1.77 -16.25
N GLY B 62 5.12 0.48 -16.59
CA GLY B 62 4.58 -0.52 -15.68
C GLY B 62 5.47 -0.66 -14.46
N CYS B 63 4.85 -0.69 -13.28
CA CYS B 63 5.54 -0.72 -12.01
C CYS B 63 5.29 -2.05 -11.32
N ALA B 64 6.11 -2.36 -10.32
CA ALA B 64 6.00 -3.65 -9.65
C ALA B 64 4.82 -3.71 -8.69
N ASN B 65 4.43 -2.59 -8.08
CA ASN B 65 3.14 -2.51 -7.38
C ASN B 65 2.69 -1.05 -7.34
N GLU B 66 1.43 -0.85 -6.97
CA GLU B 66 0.82 0.48 -7.06
C GLU B 66 1.47 1.44 -6.07
N LEU B 67 1.83 0.97 -4.88
CA LEU B 67 2.46 1.87 -3.91
C LEU B 67 3.76 2.43 -4.45
N ASN B 68 4.60 1.55 -5.03
CA ASN B 68 5.83 2.03 -5.67
C ASN B 68 5.51 2.93 -6.85
N ALA B 69 4.45 2.62 -7.59
CA ALA B 69 4.05 3.46 -8.72
C ALA B 69 3.67 4.85 -8.26
N SER B 70 2.95 4.96 -7.14
CA SER B 70 2.61 6.28 -6.62
C SER B 70 3.85 6.99 -6.09
N TYR B 71 4.76 6.25 -5.45
CA TYR B 71 6.04 6.83 -5.05
C TYR B 71 6.83 7.31 -6.26
N ALA B 72 6.86 6.49 -7.32
CA ALA B 72 7.62 6.85 -8.52
C ALA B 72 7.05 8.09 -9.18
N ALA B 73 5.72 8.19 -9.26
CA ALA B 73 5.10 9.38 -9.83
C ALA B 73 5.46 10.62 -9.02
N ASP B 74 5.46 10.50 -7.69
CA ASP B 74 5.86 11.62 -6.84
C ASP B 74 7.28 12.09 -7.19
N GLY B 75 8.24 11.17 -7.24
CA GLY B 75 9.59 11.55 -7.60
C GLY B 75 9.67 12.09 -9.02
N TYR B 76 8.88 11.52 -9.94
CA TYR B 76 8.79 12.06 -11.28
C TYR B 76 8.27 13.49 -11.27
N ALA B 77 7.23 13.75 -10.49
CA ALA B 77 6.66 15.10 -10.45
C ALA B 77 7.62 16.10 -9.81
N ARG B 78 8.49 15.65 -8.92
CA ARG B 78 9.50 16.54 -8.36
C ARG B 78 10.59 16.88 -9.36
N CYS B 79 10.63 16.23 -10.53
CA CYS B 79 11.58 16.56 -11.57
C CYS B 79 10.95 17.24 -12.77
N LYS B 80 9.69 16.97 -13.07
CA LYS B 80 9.02 17.55 -14.24
C LYS B 80 7.88 18.49 -13.88
N GLY B 81 7.54 18.61 -12.60
CA GLY B 81 6.47 19.49 -12.18
C GLY B 81 5.09 18.88 -12.23
N PHE B 82 4.96 17.63 -12.67
CA PHE B 82 3.67 16.99 -12.83
C PHE B 82 3.89 15.51 -13.07
N ALA B 83 2.93 14.71 -12.66
CA ALA B 83 3.02 13.27 -12.86
C ALA B 83 1.64 12.66 -12.84
N ALA B 84 1.55 11.43 -13.33
CA ALA B 84 0.29 10.72 -13.37
C ALA B 84 0.50 9.27 -12.96
N LEU B 85 -0.47 8.75 -12.22
CA LEU B 85 -0.51 7.38 -11.76
C LEU B 85 -1.80 6.75 -12.24
N LEU B 86 -1.70 5.54 -12.79
CA LEU B 86 -2.87 4.80 -13.23
C LEU B 86 -2.98 3.53 -12.40
N THR B 87 -4.11 3.35 -11.73
CA THR B 87 -4.38 2.13 -10.97
C THR B 87 -5.72 1.57 -11.40
N THR B 88 -6.02 0.38 -10.92
CA THR B 88 -7.30 -0.25 -11.18
C THR B 88 -8.21 -0.06 -9.97
N PHE B 89 -9.51 -0.12 -10.24
CA PHE B 89 -10.53 0.15 -9.22
C PHE B 89 -10.30 -0.70 -7.99
N GLY B 90 -10.29 -0.05 -6.82
CA GLY B 90 -10.24 -0.74 -5.55
C GLY B 90 -8.87 -1.25 -5.12
N VAL B 91 -8.43 -2.37 -5.68
CA VAL B 91 -7.18 -2.98 -5.21
C VAL B 91 -5.98 -2.12 -5.57
N GLY B 92 -6.03 -1.48 -6.73
CA GLY B 92 -4.93 -0.62 -7.14
C GLY B 92 -4.92 0.70 -6.41
N GLU B 93 -6.05 1.42 -6.46
CA GLU B 93 -6.09 2.76 -5.88
C GLU B 93 -5.84 2.73 -4.38
N LEU B 94 -6.38 1.72 -3.68
CA LEU B 94 -6.15 1.66 -2.24
C LEU B 94 -4.71 1.32 -1.92
N SER B 95 -4.06 0.49 -2.76
CA SER B 95 -2.64 0.21 -2.58
C SER B 95 -1.79 1.47 -2.71
N ALA B 96 -2.23 2.40 -3.54
CA ALA B 96 -1.49 3.63 -3.81
C ALA B 96 -1.85 4.76 -2.86
N MET B 97 -2.72 4.51 -1.88
CA MET B 97 -3.27 5.58 -1.05
C MET B 97 -2.17 6.28 -0.25
N ASN B 98 -1.21 5.53 0.27
CA ASN B 98 -0.14 6.13 1.05
C ASN B 98 0.73 7.04 0.20
N GLY B 99 0.96 6.67 -1.06
CA GLY B 99 1.75 7.53 -1.93
C GLY B 99 1.05 8.83 -2.26
N ILE B 100 -0.25 8.76 -2.58
CA ILE B 100 -1.01 9.98 -2.88
C ILE B 100 -1.06 10.89 -1.66
N ALA B 101 -1.24 10.31 -0.47
CA ALA B 101 -1.29 11.11 0.74
C ALA B 101 0.04 11.84 0.97
N GLY B 102 1.15 11.16 0.72
CA GLY B 102 2.45 11.82 0.81
C GLY B 102 2.60 12.93 -0.21
N SER B 103 2.08 12.72 -1.42
CA SER B 103 2.09 13.79 -2.42
C SER B 103 1.24 14.97 -1.98
N TYR B 104 0.07 14.70 -1.38
CA TYR B 104 -0.74 15.79 -0.85
C TYR B 104 -0.02 16.52 0.27
N ALA B 105 0.62 15.77 1.18
CA ALA B 105 1.25 16.38 2.34
C ALA B 105 2.39 17.31 1.94
N GLU B 106 3.18 16.90 0.95
CA GLU B 106 4.35 17.67 0.54
C GLU B 106 4.11 18.45 -0.75
N HIS B 107 2.83 18.60 -1.15
CA HIS B 107 2.44 19.44 -2.26
C HIS B 107 3.12 19.02 -3.57
N VAL B 108 2.88 17.77 -3.96
CA VAL B 108 3.41 17.21 -5.20
C VAL B 108 2.24 16.91 -6.12
N PRO B 109 2.16 17.51 -7.31
CA PRO B 109 1.01 17.26 -8.19
C PRO B 109 1.10 15.92 -8.92
N VAL B 110 0.43 14.91 -8.40
CA VAL B 110 0.34 13.59 -9.01
C VAL B 110 -1.13 13.33 -9.34
N LEU B 111 -1.41 13.05 -10.61
CA LEU B 111 -2.77 12.74 -11.02
C LEU B 111 -3.01 11.24 -10.88
N HIS B 112 -3.99 10.88 -10.06
CA HIS B 112 -4.37 9.49 -9.86
C HIS B 112 -5.55 9.19 -10.77
N ILE B 113 -5.31 8.40 -11.81
CA ILE B 113 -6.35 7.91 -12.69
C ILE B 113 -6.72 6.50 -12.26
N VAL B 114 -8.00 6.28 -11.96
CA VAL B 114 -8.49 4.98 -11.52
C VAL B 114 -9.37 4.43 -12.63
N GLY B 115 -8.88 3.41 -13.33
CA GLY B 115 -9.74 2.69 -14.25
C GLY B 115 -10.80 1.95 -13.48
N ALA B 116 -12.05 2.10 -13.90
CA ALA B 116 -13.19 1.63 -13.13
C ALA B 116 -14.11 0.80 -14.02
N PRO B 117 -14.96 -0.04 -13.42
CA PRO B 117 -15.95 -0.76 -14.22
C PRO B 117 -16.90 0.21 -14.92
N GLY B 118 -17.49 -0.28 -16.01
CA GLY B 118 -18.41 0.56 -16.76
C GLY B 118 -19.57 1.04 -15.90
N THR B 119 -20.12 2.19 -16.29
CA THR B 119 -21.16 2.84 -15.49
C THR B 119 -22.38 1.94 -15.32
N ALA B 120 -22.73 1.18 -16.35
CA ALA B 120 -23.88 0.29 -16.25
C ALA B 120 -23.68 -0.75 -15.14
N SER B 121 -22.49 -1.34 -15.07
CA SER B 121 -22.21 -2.28 -13.99
C SER B 121 -22.30 -1.61 -12.63
N GLN B 122 -21.77 -0.38 -12.53
CA GLN B 122 -21.85 0.35 -11.26
C GLN B 122 -23.30 0.65 -10.90
N GLN B 123 -24.11 1.07 -11.88
CA GLN B 123 -25.48 1.45 -11.59
C GLN B 123 -26.32 0.26 -11.15
N ARG B 124 -26.04 -0.93 -11.68
CA ARG B 124 -26.74 -2.14 -11.29
C ARG B 124 -26.25 -2.72 -9.97
N GLY B 125 -25.21 -2.16 -9.38
CA GLY B 125 -24.72 -2.64 -8.09
C GLY B 125 -24.21 -4.06 -8.14
N GLU B 126 -23.53 -4.44 -9.22
CA GLU B 126 -23.10 -5.81 -9.40
C GLU B 126 -22.02 -6.18 -8.39
N LEU B 127 -21.95 -7.47 -8.07
CA LEU B 127 -20.94 -8.00 -7.15
C LEU B 127 -19.68 -8.28 -7.96
N LEU B 128 -18.98 -7.21 -8.30
CA LEU B 128 -17.78 -7.29 -9.12
C LEU B 128 -16.54 -7.46 -8.26
N HIS B 129 -15.51 -8.06 -8.84
CA HIS B 129 -14.22 -8.13 -8.17
C HIS B 129 -13.69 -6.71 -7.95
N HIS B 130 -12.86 -6.57 -6.90
CA HIS B 130 -12.30 -5.30 -6.45
C HIS B 130 -13.32 -4.40 -5.78
N THR B 131 -14.44 -4.95 -5.31
CA THR B 131 -15.42 -4.21 -4.53
C THR B 131 -15.59 -4.87 -3.17
N LEU B 132 -16.24 -4.16 -2.26
CA LEU B 132 -16.48 -4.68 -0.92
C LEU B 132 -17.64 -5.67 -0.88
N GLY B 133 -18.21 -6.01 -2.02
CA GLY B 133 -19.31 -6.96 -2.04
C GLY B 133 -20.65 -6.38 -1.64
N ASP B 134 -20.76 -5.05 -1.54
CA ASP B 134 -22.01 -4.39 -1.18
C ASP B 134 -22.66 -3.68 -2.35
N GLY B 135 -22.11 -3.82 -3.55
CA GLY B 135 -22.67 -3.13 -4.69
C GLY B 135 -22.39 -1.65 -4.71
N GLU B 136 -21.51 -1.17 -3.84
CA GLU B 136 -21.18 0.25 -3.76
C GLU B 136 -19.88 0.51 -4.50
N PHE B 137 -19.88 1.52 -5.36
CA PHE B 137 -18.73 1.80 -6.21
C PHE B 137 -18.12 3.17 -5.93
N ARG B 138 -18.54 3.85 -4.87
CA ARG B 138 -18.02 5.18 -4.57
C ARG B 138 -17.29 5.26 -3.24
N HIS B 139 -17.11 4.14 -2.55
CA HIS B 139 -16.36 4.14 -1.29
C HIS B 139 -14.96 4.71 -1.49
N PHE B 140 -14.23 4.17 -2.47
CA PHE B 140 -12.82 4.52 -2.61
C PHE B 140 -12.64 5.92 -3.17
N TYR B 141 -13.59 6.38 -3.99
CA TYR B 141 -13.58 7.78 -4.43
C TYR B 141 -13.65 8.71 -3.22
N HIS B 142 -14.56 8.44 -2.29
CA HIS B 142 -14.71 9.29 -1.11
C HIS B 142 -13.55 9.15 -0.15
N MET B 143 -12.95 7.97 -0.05
CA MET B 143 -11.80 7.79 0.83
C MET B 143 -10.60 8.63 0.37
N SER B 144 -10.52 8.94 -0.92
CA SER B 144 -9.45 9.76 -1.46
C SER B 144 -9.64 11.25 -1.20
N GLU B 145 -10.83 11.69 -0.84
CA GLU B 145 -11.09 13.09 -0.64
C GLU B 145 -10.14 13.87 0.25
N PRO B 146 -9.76 13.37 1.43
CA PRO B 146 -8.85 14.16 2.27
C PRO B 146 -7.44 14.31 1.71
N ILE B 147 -7.04 13.52 0.72
CA ILE B 147 -5.65 13.53 0.27
C ILE B 147 -5.53 13.98 -1.20
N THR B 148 -6.56 14.63 -1.72
CA THR B 148 -6.49 15.22 -3.05
C THR B 148 -7.10 16.62 -3.01
N VAL B 149 -6.63 17.47 -3.92
CA VAL B 149 -7.18 18.82 -3.99
C VAL B 149 -8.41 18.91 -4.90
N ALA B 150 -8.61 17.94 -5.78
CA ALA B 150 -9.77 17.95 -6.65
C ALA B 150 -10.02 16.52 -7.13
N GLN B 151 -11.30 16.17 -7.29
CA GLN B 151 -11.63 14.88 -7.89
C GLN B 151 -12.89 14.98 -8.70
N ALA B 152 -13.07 13.97 -9.54
CA ALA B 152 -14.27 13.85 -10.36
C ALA B 152 -14.51 12.37 -10.65
N ILE B 153 -15.78 12.01 -10.74
CA ILE B 153 -16.19 10.76 -11.35
C ILE B 153 -16.57 11.11 -12.78
N LEU B 154 -15.78 10.63 -13.73
CA LEU B 154 -15.99 11.03 -15.12
C LEU B 154 -17.22 10.34 -15.68
N THR B 155 -18.11 11.13 -16.26
CA THR B 155 -19.30 10.62 -16.93
C THR B 155 -19.27 11.06 -18.38
N GLU B 156 -20.17 10.48 -19.17
CA GLU B 156 -20.32 10.91 -20.56
C GLU B 156 -20.73 12.38 -20.64
N GLN B 157 -21.36 12.90 -19.59
CA GLN B 157 -21.87 14.26 -19.58
C GLN B 157 -20.91 15.30 -19.02
N ASN B 158 -19.79 14.88 -18.43
CA ASN B 158 -18.92 15.84 -17.75
C ASN B 158 -17.44 15.68 -18.03
N ALA B 159 -17.04 14.69 -18.83
CA ALA B 159 -15.68 14.17 -18.77
C ALA B 159 -14.66 15.27 -19.03
N CYS B 160 -14.80 16.01 -20.13
CA CYS B 160 -13.71 16.86 -20.57
C CYS B 160 -13.53 18.07 -19.67
N TYR B 161 -14.62 18.70 -19.23
CA TYR B 161 -14.42 19.84 -18.34
C TYR B 161 -14.12 19.42 -16.91
N GLU B 162 -14.52 18.22 -16.49
CA GLU B 162 -14.08 17.71 -15.20
C GLU B 162 -12.59 17.38 -15.24
N ILE B 163 -12.12 16.81 -16.36
CA ILE B 163 -10.68 16.58 -16.52
C ILE B 163 -9.92 17.89 -16.41
N ASP B 164 -10.39 18.91 -17.13
CA ASP B 164 -9.70 20.20 -17.12
C ASP B 164 -9.74 20.85 -15.75
N ARG B 165 -10.90 20.77 -15.07
CA ARG B 165 -11.01 21.38 -13.74
C ARG B 165 -10.06 20.73 -12.76
N VAL B 166 -9.99 19.39 -12.75
CA VAL B 166 -9.13 18.70 -11.79
C VAL B 166 -7.66 19.05 -12.04
N LEU B 167 -7.22 18.98 -13.30
CA LEU B 167 -5.84 19.29 -13.61
C LEU B 167 -5.51 20.75 -13.31
N THR B 168 -6.44 21.66 -13.62
CA THR B 168 -6.22 23.07 -13.36
C THR B 168 -6.04 23.34 -11.87
N THR B 169 -6.90 22.74 -11.03
CA THR B 169 -6.74 22.85 -9.59
C THR B 169 -5.40 22.24 -9.15
N MET B 170 -5.03 21.11 -9.73
CA MET B 170 -3.72 20.52 -9.45
C MET B 170 -2.60 21.49 -9.77
N LEU B 171 -2.67 22.13 -10.94
CA LEU B 171 -1.66 23.11 -11.34
C LEU B 171 -1.64 24.30 -10.39
N ARG B 172 -2.82 24.76 -9.96
CA ARG B 172 -2.88 25.92 -9.09
C ARG B 172 -2.33 25.60 -7.71
N GLU B 173 -2.76 24.48 -7.14
CA GLU B 173 -2.43 24.15 -5.76
C GLU B 173 -1.17 23.30 -5.63
N ARG B 174 -0.67 22.73 -6.73
CA ARG B 174 0.49 21.84 -6.69
C ARG B 174 0.24 20.67 -5.75
N ARG B 175 -0.82 19.93 -6.01
CA ARG B 175 -1.25 18.86 -5.13
C ARG B 175 -1.99 17.82 -5.96
N PRO B 176 -2.13 16.60 -5.45
CA PRO B 176 -2.70 15.51 -6.25
C PRO B 176 -4.16 15.72 -6.59
N GLY B 177 -4.56 15.15 -7.73
CA GLY B 177 -5.96 15.07 -8.11
C GLY B 177 -6.35 13.62 -8.35
N TYR B 178 -7.66 13.39 -8.44
CA TYR B 178 -8.20 12.05 -8.57
C TYR B 178 -9.22 12.04 -9.68
N LEU B 179 -9.11 11.07 -10.59
CA LEU B 179 -10.09 10.91 -11.65
C LEU B 179 -10.51 9.45 -11.69
N MET B 180 -11.82 9.21 -11.54
CA MET B 180 -12.38 7.88 -11.76
C MET B 180 -12.85 7.79 -13.19
N LEU B 181 -12.30 6.83 -13.93
CA LEU B 181 -12.54 6.70 -15.37
C LEU B 181 -13.22 5.35 -15.61
N PRO B 182 -14.55 5.29 -15.59
CA PRO B 182 -15.23 4.06 -15.99
C PRO B 182 -14.86 3.69 -17.41
N ALA B 183 -14.72 2.38 -17.65
CA ALA B 183 -14.21 1.91 -18.93
C ALA B 183 -15.08 2.39 -20.09
N ASP B 184 -16.40 2.50 -19.87
CA ASP B 184 -17.27 2.96 -20.95
C ASP B 184 -17.11 4.45 -21.21
N VAL B 185 -16.90 5.25 -20.16
CA VAL B 185 -16.73 6.69 -20.34
C VAL B 185 -15.48 6.99 -21.16
N ALA B 186 -14.43 6.19 -20.95
CA ALA B 186 -13.16 6.41 -21.65
C ALA B 186 -13.31 6.29 -23.17
N LYS B 187 -14.27 5.49 -23.64
CA LYS B 187 -14.50 5.33 -25.06
C LYS B 187 -15.45 6.37 -25.66
N LYS B 188 -16.03 7.23 -24.84
CA LYS B 188 -16.99 8.19 -25.37
C LYS B 188 -16.27 9.22 -26.24
N ALA B 189 -16.97 9.68 -27.28
CA ALA B 189 -16.37 10.56 -28.27
C ALA B 189 -15.95 11.89 -27.66
N ALA B 190 -14.78 12.38 -28.09
CA ALA B 190 -14.30 13.69 -27.69
C ALA B 190 -13.69 14.37 -28.90
N THR B 191 -13.38 15.66 -28.75
CA THR B 191 -12.72 16.40 -29.79
C THR B 191 -11.39 16.95 -29.28
N PRO B 192 -10.32 16.80 -30.05
CA PRO B 192 -9.03 17.33 -29.63
C PRO B 192 -9.10 18.84 -29.46
N PRO B 193 -8.54 19.37 -28.38
CA PRO B 193 -8.60 20.83 -28.17
C PRO B 193 -7.56 21.55 -29.01
N VAL B 194 -7.94 22.73 -29.50
CA VAL B 194 -6.99 23.58 -30.20
C VAL B 194 -6.09 24.29 -29.22
N ASN B 195 -6.56 24.53 -27.99
CA ASN B 195 -5.77 25.23 -27.00
C ASN B 195 -5.20 24.22 -26.01
N ALA B 196 -3.88 24.28 -25.81
CA ALA B 196 -3.24 23.43 -24.83
C ALA B 196 -3.64 23.87 -23.43
N LEU B 197 -3.86 22.88 -22.56
CA LEU B 197 -4.24 23.18 -21.19
C LEU B 197 -3.13 23.95 -20.49
N THR B 198 -3.49 25.12 -19.95
CA THR B 198 -2.58 25.94 -19.19
C THR B 198 -3.37 26.69 -18.13
N LEU B 199 -2.69 26.99 -17.02
CA LEU B 199 -3.25 27.78 -15.93
C LEU B 199 -2.44 29.06 -15.79
N ARG B 200 -3.03 30.16 -16.25
CA ARG B 200 -2.37 31.45 -16.26
C ARG B 200 -2.27 32.03 -14.86
N HIS B 201 -1.11 32.61 -14.56
CA HIS B 201 -0.81 33.09 -13.22
C HIS B 201 -1.89 34.05 -12.72
N ALA B 202 -2.38 33.81 -11.50
CA ALA B 202 -3.34 34.74 -10.93
C ALA B 202 -2.63 36.06 -10.62
N HIS B 203 -3.42 37.11 -10.45
CA HIS B 203 -2.87 38.40 -10.06
C HIS B 203 -3.64 38.92 -8.85
N ALA B 204 -2.91 39.39 -7.85
CA ALA B 204 -3.54 39.95 -6.67
C ALA B 204 -4.28 41.23 -7.03
N ASP B 205 -5.39 41.48 -6.32
CA ASP B 205 -6.03 42.77 -6.41
C ASP B 205 -5.03 43.86 -6.06
N SER B 206 -4.95 44.90 -6.89
CA SER B 206 -3.85 45.85 -6.79
C SER B 206 -3.83 46.58 -5.47
N ALA B 207 -5.00 46.79 -4.84
CA ALA B 207 -5.01 47.38 -3.52
C ALA B 207 -4.46 46.41 -2.46
N CYS B 208 -4.83 45.13 -2.56
CA CYS B 208 -4.33 44.14 -1.62
C CYS B 208 -2.82 43.97 -1.75
N LEU B 209 -2.31 43.90 -2.98
CA LEU B 209 -0.87 43.80 -3.18
C LEU B 209 -0.17 45.05 -2.65
N LYS B 210 -0.74 46.23 -2.92
CA LYS B 210 -0.16 47.47 -2.43
C LYS B 210 -0.12 47.50 -0.90
N ALA B 211 -1.18 47.01 -0.25
CA ALA B 211 -1.19 46.95 1.21
C ALA B 211 -0.09 46.05 1.73
N PHE B 212 0.14 44.92 1.06
CA PHE B 212 1.21 44.03 1.50
C PHE B 212 2.57 44.65 1.19
N ARG B 213 2.72 45.28 0.02
CA ARG B 213 3.96 45.96 -0.30
C ARG B 213 4.26 47.09 0.68
N ASP B 214 3.24 47.84 1.09
CA ASP B 214 3.47 48.94 2.02
C ASP B 214 3.81 48.43 3.42
N ALA B 215 3.17 47.35 3.85
CA ALA B 215 3.50 46.78 5.15
C ALA B 215 4.88 46.14 5.12
N ALA B 216 5.19 45.42 4.05
CA ALA B 216 6.52 44.82 3.91
C ALA B 216 7.59 45.89 3.76
N GLU B 217 7.28 46.97 3.03
CA GLU B 217 8.27 48.04 2.85
C GLU B 217 8.60 48.70 4.18
N ASN B 218 7.58 48.95 5.00
CA ASN B 218 7.84 49.52 6.33
C ASN B 218 8.66 48.55 7.17
N ARG B 219 8.33 47.25 7.12
CA ARG B 219 9.05 46.27 7.94
C ARG B 219 10.52 46.19 7.55
N LEU B 220 10.80 46.11 6.25
CA LEU B 220 12.18 46.01 5.80
C LEU B 220 12.95 47.30 6.04
N ALA B 221 12.28 48.45 5.96
CA ALA B 221 12.96 49.73 6.11
C ALA B 221 13.59 49.88 7.50
N MET B 222 13.02 49.23 8.52
CA MET B 222 13.58 49.32 9.87
C MET B 222 14.37 48.07 10.27
N SER B 223 14.73 47.27 9.29
CA SER B 223 15.50 46.08 9.58
C SER B 223 16.97 46.30 9.28
N LYS B 224 17.81 46.09 10.27
CA LYS B 224 19.24 46.21 10.06
C LYS B 224 19.81 45.02 9.25
N ARG B 225 19.47 43.79 9.63
CA ARG B 225 19.97 42.59 8.96
C ARG B 225 18.88 41.66 8.49
N THR B 226 18.76 41.44 7.21
CA THR B 226 17.75 40.56 6.73
C THR B 226 18.31 39.25 6.26
N ALA B 227 17.65 38.17 6.62
CA ALA B 227 17.98 36.82 6.18
C ALA B 227 16.81 36.22 5.42
N LEU B 228 17.12 35.28 4.54
CA LEU B 228 16.13 34.64 3.67
C LEU B 228 16.05 33.15 3.99
N LEU B 229 14.84 32.65 4.14
CA LEU B 229 14.58 31.25 4.43
C LEU B 229 13.53 30.75 3.46
N ALA B 230 13.93 29.88 2.53
CA ALA B 230 13.03 29.31 1.54
C ALA B 230 12.93 27.81 1.78
N ASP B 231 11.80 27.23 1.39
CA ASP B 231 11.66 25.78 1.54
C ASP B 231 10.78 25.26 0.41
N PHE B 232 10.26 24.03 0.59
CA PHE B 232 9.85 23.18 -0.52
C PHE B 232 8.77 23.81 -1.38
N LEU B 233 7.93 24.67 -0.81
CA LEU B 233 6.86 25.28 -1.60
C LEU B 233 7.40 26.18 -2.69
N VAL B 234 8.61 26.70 -2.52
CA VAL B 234 9.30 27.38 -3.61
C VAL B 234 9.52 26.42 -4.77
N LEU B 235 9.99 25.21 -4.47
CA LEU B 235 10.23 24.21 -5.50
C LEU B 235 8.95 23.82 -6.23
N ARG B 236 7.88 23.58 -5.48
CA ARG B 236 6.65 23.04 -6.07
C ARG B 236 6.01 24.03 -7.04
N HIS B 237 6.06 25.31 -6.73
CA HIS B 237 5.43 26.34 -7.53
C HIS B 237 6.33 26.89 -8.62
N GLY B 238 7.55 26.39 -8.71
CA GLY B 238 8.51 26.77 -9.73
C GLY B 238 9.18 28.10 -9.50
N LEU B 239 9.52 28.40 -8.28
CA LEU B 239 10.13 29.63 -7.96
C LEU B 239 11.59 29.46 -7.61
N LYS B 240 12.19 28.36 -8.00
CA LYS B 240 13.59 28.13 -7.65
C LYS B 240 14.50 29.20 -8.19
N HIS B 241 14.35 29.47 -9.46
CA HIS B 241 15.14 30.45 -10.14
C HIS B 241 14.93 31.80 -9.52
N ALA B 242 13.68 32.16 -9.26
CA ALA B 242 13.40 33.41 -8.62
C ALA B 242 14.13 33.58 -7.30
N LEU B 243 14.18 32.57 -6.47
CA LEU B 243 14.90 32.69 -5.23
C LEU B 243 16.42 32.72 -5.48
N GLN B 244 16.86 32.02 -6.50
CA GLN B 244 18.27 31.98 -6.79
C GLN B 244 18.71 33.35 -7.22
N LYS B 245 18.03 33.89 -8.20
CA LYS B 245 18.36 35.22 -8.68
C LYS B 245 18.25 36.22 -7.55
N TRP B 246 17.21 36.15 -6.73
CA TRP B 246 17.04 37.06 -5.61
C TRP B 246 18.23 37.15 -4.70
N VAL B 247 18.84 36.03 -4.39
CA VAL B 247 20.00 36.08 -3.53
C VAL B 247 21.26 36.48 -4.30
N LYS B 248 21.26 36.35 -5.62
CA LYS B 248 22.39 36.74 -6.45
C LYS B 248 22.30 38.26 -6.52
N ASP B 249 21.15 38.76 -6.93
CA ASP B 249 20.91 40.18 -6.99
C ASP B 249 20.96 40.85 -5.63
N VAL B 250 20.58 40.19 -4.54
CA VAL B 250 20.68 40.82 -3.23
C VAL B 250 21.33 39.87 -2.23
N PRO B 251 22.65 39.84 -2.14
CA PRO B 251 23.32 38.89 -1.24
C PRO B 251 22.99 39.13 0.23
N MET B 252 22.56 38.06 0.88
CA MET B 252 22.21 38.10 2.29
C MET B 252 22.32 36.68 2.84
N ALA B 253 22.41 36.57 4.15
CA ALA B 253 22.37 35.26 4.78
C ALA B 253 21.09 34.56 4.35
N HIS B 254 21.23 33.37 3.79
CA HIS B 254 20.09 32.62 3.31
C HIS B 254 20.29 31.15 3.61
N ALA B 255 19.17 30.43 3.72
CA ALA B 255 19.20 29.01 4.02
C ALA B 255 17.89 28.39 3.54
N THR B 256 17.86 27.07 3.54
CA THR B 256 16.64 26.31 3.41
C THR B 256 16.48 25.41 4.63
N MET B 257 15.34 24.74 4.71
CA MET B 257 15.19 23.63 5.63
C MET B 257 15.36 22.33 4.85
N LEU B 258 15.16 21.21 5.55
CA LEU B 258 15.44 19.92 4.93
C LEU B 258 14.55 19.69 3.71
N MET B 259 13.26 20.04 3.82
CA MET B 259 12.33 19.76 2.73
C MET B 259 12.69 20.53 1.46
N GLY B 260 13.15 21.76 1.60
CA GLY B 260 13.50 22.60 0.48
C GLY B 260 14.97 22.61 0.11
N LYS B 261 15.75 21.68 0.65
CA LYS B 261 17.15 21.60 0.27
C LYS B 261 17.29 21.42 -1.24
N GLY B 262 18.20 22.17 -1.84
CA GLY B 262 18.39 22.19 -3.27
C GLY B 262 17.92 23.46 -3.94
N ILE B 263 17.18 24.32 -3.23
CA ILE B 263 16.73 25.58 -3.82
C ILE B 263 17.93 26.44 -4.21
N PHE B 264 18.94 26.49 -3.35
CA PHE B 264 20.09 27.34 -3.55
C PHE B 264 21.31 26.52 -3.94
N ASP B 265 22.15 27.10 -4.81
CA ASP B 265 23.50 26.59 -4.92
C ASP B 265 24.16 26.85 -3.58
N GLU B 266 24.48 25.80 -2.85
CA GLU B 266 24.88 25.99 -1.47
C GLU B 266 26.31 26.47 -1.33
N ARG B 267 27.07 26.57 -2.43
CA ARG B 267 28.45 27.05 -2.38
C ARG B 267 28.59 28.56 -2.49
N HIS B 268 27.53 29.30 -2.80
CA HIS B 268 27.65 30.75 -2.90
C HIS B 268 27.69 31.36 -1.50
N VAL B 269 28.39 32.50 -1.39
CA VAL B 269 28.56 33.19 -0.12
C VAL B 269 27.21 33.57 0.50
N GLY B 270 27.14 33.53 1.83
CA GLY B 270 25.92 33.81 2.54
C GLY B 270 25.10 32.59 2.88
N PHE B 271 25.45 31.44 2.34
CA PHE B 271 24.84 30.17 2.72
C PHE B 271 25.80 29.48 3.66
N TYR B 272 25.31 29.14 4.86
CA TYR B 272 26.14 28.57 5.90
C TYR B 272 25.72 27.15 6.27
N GLY B 273 24.70 26.62 5.63
CA GLY B 273 24.15 25.33 5.97
C GLY B 273 22.64 25.39 6.15
N THR B 274 22.03 24.22 6.17
CA THR B 274 20.61 24.05 6.31
C THR B 274 20.13 24.40 7.70
N TYR B 275 18.97 25.01 7.79
CA TYR B 275 18.40 25.40 9.05
C TYR B 275 17.62 24.27 9.67
N SER B 276 17.87 23.99 10.92
CA SER B 276 17.12 22.94 11.56
C SER B 276 16.80 23.29 12.97
N GLY B 277 16.28 24.49 13.17
CA GLY B 277 15.92 24.92 14.48
C GLY B 277 17.10 24.94 15.38
N SER B 278 17.00 24.31 16.53
CA SER B 278 18.10 24.22 17.50
C SER B 278 19.29 23.40 17.04
N ALA B 279 19.08 22.51 16.11
CA ALA B 279 20.12 21.68 15.59
C ALA B 279 21.00 22.36 14.54
N SER B 280 21.21 23.69 14.58
CA SER B 280 22.05 24.31 13.57
C SER B 280 23.51 24.34 13.95
N ALA B 281 24.36 24.37 12.93
CA ALA B 281 25.70 24.88 13.15
C ALA B 281 25.56 26.29 13.69
N GLY B 282 26.54 26.71 14.48
CA GLY B 282 26.44 28.02 15.12
C GLY B 282 26.25 29.13 14.11
N ALA B 283 26.92 29.04 12.96
CA ALA B 283 26.80 30.07 11.94
C ALA B 283 25.39 30.15 11.37
N VAL B 284 24.73 29.00 11.18
CA VAL B 284 23.39 29.01 10.60
C VAL B 284 22.39 29.64 11.57
N LYS B 285 22.47 29.27 12.85
CA LYS B 285 21.59 29.87 13.85
C LYS B 285 21.78 31.38 13.90
N GLU B 286 23.03 31.83 13.89
CA GLU B 286 23.30 33.25 13.87
C GLU B 286 22.85 33.89 12.56
N ALA B 287 23.06 33.18 11.44
CA ALA B 287 22.68 33.72 10.14
C ALA B 287 21.17 33.94 10.04
N ILE B 288 20.38 32.99 10.52
CA ILE B 288 18.93 33.04 10.34
C ILE B 288 18.26 33.59 11.59
N GLU B 289 18.40 32.88 12.71
CA GLU B 289 17.72 33.30 13.93
C GLU B 289 18.28 34.59 14.49
N GLY B 290 19.52 34.94 14.16
CA GLY B 290 20.10 36.19 14.61
C GLY B 290 19.66 37.41 13.83
N ALA B 291 18.98 37.21 12.70
CA ALA B 291 18.51 38.33 11.91
C ALA B 291 17.32 39.00 12.58
N ASP B 292 17.27 40.33 12.49
CA ASP B 292 16.12 41.07 13.00
C ASP B 292 14.91 40.93 12.08
N THR B 293 15.12 40.51 10.83
CA THR B 293 14.04 40.24 9.90
C THR B 293 14.41 39.02 9.08
N VAL B 294 13.54 38.02 9.07
CA VAL B 294 13.73 36.79 8.30
C VAL B 294 12.58 36.68 7.33
N LEU B 295 12.92 36.54 6.04
CA LEU B 295 11.91 36.32 5.00
C LEU B 295 11.73 34.82 4.82
N CYS B 296 10.57 34.30 5.24
CA CYS B 296 10.25 32.88 5.16
C CYS B 296 9.38 32.66 3.92
N ILE B 297 9.95 32.00 2.92
CA ILE B 297 9.29 31.82 1.62
C ILE B 297 8.93 30.35 1.48
N GLY B 298 7.63 30.06 1.48
CA GLY B 298 7.18 28.68 1.31
C GLY B 298 7.66 27.74 2.37
N THR B 299 7.61 28.16 3.63
CA THR B 299 8.17 27.42 4.74
C THR B 299 7.06 26.79 5.56
N ARG B 300 7.26 25.53 5.95
CA ARG B 300 6.38 24.85 6.90
C ARG B 300 7.28 24.30 8.01
N PHE B 301 7.06 24.78 9.23
CA PHE B 301 7.93 24.45 10.36
C PHE B 301 7.44 23.17 11.02
N THR B 302 7.74 22.06 10.36
CA THR B 302 7.36 20.74 10.87
C THR B 302 8.31 20.31 11.98
N ASP B 303 7.92 19.23 12.67
CA ASP B 303 8.70 18.76 13.82
C ASP B 303 10.10 18.32 13.41
N THR B 304 10.21 17.60 12.29
CA THR B 304 11.51 17.12 11.85
C THR B 304 12.40 18.27 11.38
N LEU B 305 11.84 19.21 10.61
CA LEU B 305 12.65 20.31 10.10
C LEU B 305 13.11 21.25 11.20
N THR B 306 12.41 21.29 12.33
CA THR B 306 12.73 22.21 13.42
C THR B 306 13.33 21.50 14.62
N ALA B 307 13.69 20.22 14.49
CA ALA B 307 14.26 19.43 15.57
C ALA B 307 13.38 19.53 16.82
N GLY B 308 12.11 19.21 16.65
CA GLY B 308 11.17 19.28 17.76
C GLY B 308 10.58 20.64 18.02
N PHE B 309 10.39 21.45 16.98
CA PHE B 309 9.79 22.79 17.10
C PHE B 309 10.65 23.70 17.98
N THR B 310 11.97 23.48 17.96
CA THR B 310 12.90 24.27 18.76
C THR B 310 13.40 25.50 18.01
N HIS B 311 12.80 25.82 16.87
CA HIS B 311 13.14 27.04 16.14
C HIS B 311 12.73 28.28 16.94
N GLN B 312 13.53 29.33 16.82
CA GLN B 312 13.28 30.61 17.49
C GLN B 312 13.11 31.67 16.42
N LEU B 313 11.88 31.80 15.92
CA LEU B 313 11.53 32.85 14.97
C LEU B 313 10.22 33.47 15.40
N THR B 314 10.23 34.74 15.76
CA THR B 314 9.05 35.41 16.25
C THR B 314 8.25 36.01 15.10
N PRO B 315 6.93 36.16 15.29
CA PRO B 315 6.11 36.77 14.22
C PRO B 315 6.55 38.16 13.80
N SER B 316 6.95 39.01 14.75
CA SER B 316 7.44 40.34 14.40
C SER B 316 8.78 40.28 13.69
N GLN B 317 9.53 39.21 13.88
CA GLN B 317 10.83 39.04 13.23
C GLN B 317 10.70 38.54 11.79
N THR B 318 9.55 38.02 11.39
CA THR B 318 9.44 37.29 10.14
C THR B 318 8.46 37.96 9.18
N ILE B 319 8.77 37.83 7.89
CA ILE B 319 7.81 38.03 6.81
C ILE B 319 7.65 36.68 6.12
N GLU B 320 6.42 36.23 5.98
CA GLU B 320 6.13 34.87 5.53
C GLU B 320 5.32 34.92 4.23
N VAL B 321 5.69 34.08 3.28
CA VAL B 321 5.02 34.01 1.99
C VAL B 321 4.52 32.58 1.79
N GLN B 322 3.21 32.44 1.59
CA GLN B 322 2.58 31.15 1.36
C GLN B 322 1.92 31.18 -0.01
N PRO B 323 1.44 30.04 -0.54
CA PRO B 323 0.98 30.03 -1.95
C PRO B 323 -0.09 31.08 -2.29
N HIS B 324 -1.05 31.34 -1.40
CA HIS B 324 -2.11 32.29 -1.68
C HIS B 324 -2.16 33.45 -0.71
N ALA B 325 -1.24 33.53 0.25
CA ALA B 325 -1.30 34.58 1.26
C ALA B 325 0.10 34.82 1.81
N SER B 326 0.35 36.07 2.19
CA SER B 326 1.60 36.44 2.81
C SER B 326 1.32 37.20 4.10
N ARG B 327 2.30 37.19 4.99
CA ARG B 327 2.14 37.79 6.32
C ARG B 327 3.32 38.71 6.61
N VAL B 328 3.00 39.88 7.17
CA VAL B 328 3.99 40.81 7.70
C VAL B 328 3.67 41.02 9.17
N GLY B 329 4.57 40.59 10.04
CA GLY B 329 4.29 40.69 11.47
C GLY B 329 3.09 39.84 11.85
N ASP B 330 2.09 40.47 12.47
CA ASP B 330 0.87 39.78 12.86
C ASP B 330 -0.24 39.89 11.83
N VAL B 331 -0.03 40.64 10.75
CA VAL B 331 -1.07 40.93 9.78
C VAL B 331 -0.91 40.01 8.57
N TRP B 332 -2.00 39.37 8.17
CA TRP B 332 -2.01 38.52 6.99
C TRP B 332 -2.65 39.25 5.82
N PHE B 333 -2.09 39.04 4.63
CA PHE B 333 -2.58 39.61 3.39
C PHE B 333 -2.92 38.45 2.46
N THR B 334 -4.20 38.16 2.30
CA THR B 334 -4.64 36.96 1.59
C THR B 334 -5.06 37.31 0.17
N GLY B 335 -5.08 36.29 -0.68
CA GLY B 335 -5.35 36.49 -2.10
C GLY B 335 -4.20 37.13 -2.85
N ILE B 336 -2.96 36.79 -2.49
CA ILE B 336 -1.77 37.29 -3.17
C ILE B 336 -0.99 36.08 -3.66
N PRO B 337 -0.82 35.93 -4.98
CA PRO B 337 0.00 34.82 -5.48
C PRO B 337 1.42 34.87 -4.94
N MET B 338 1.96 33.69 -4.67
CA MET B 338 3.29 33.57 -4.10
C MET B 338 4.35 34.25 -4.99
N LEU B 339 4.20 34.12 -6.30
CA LEU B 339 5.13 34.77 -7.22
C LEU B 339 5.12 36.28 -7.05
N GLN B 340 3.93 36.87 -6.95
CA GLN B 340 3.84 38.33 -6.84
C GLN B 340 4.39 38.82 -5.52
N ALA B 341 4.16 38.07 -4.43
CA ALA B 341 4.73 38.45 -3.15
C ALA B 341 6.25 38.47 -3.20
N ILE B 342 6.85 37.48 -3.87
CA ILE B 342 8.30 37.43 -3.96
C ILE B 342 8.83 38.57 -4.81
N GLU B 343 8.21 38.77 -5.95
CA GLU B 343 8.56 39.88 -6.81
C GLU B 343 8.57 41.19 -6.04
N THR B 344 7.55 41.38 -5.22
CA THR B 344 7.43 42.56 -4.41
C THR B 344 8.55 42.65 -3.43
N LEU B 345 8.78 41.58 -2.69
CA LEU B 345 9.87 41.56 -1.74
C LEU B 345 11.25 41.68 -2.41
N VAL B 346 11.42 41.16 -3.61
CA VAL B 346 12.70 41.31 -4.31
C VAL B 346 12.94 42.81 -4.57
N GLU B 347 11.92 43.50 -5.13
CA GLU B 347 11.95 44.96 -5.34
C GLU B 347 12.37 45.63 -4.05
N LEU B 348 11.69 45.32 -2.97
CA LEU B 348 11.99 45.93 -1.69
C LEU B 348 13.34 45.63 -1.12
N CYS B 349 13.84 44.43 -1.31
CA CYS B 349 15.13 44.09 -0.78
C CYS B 349 16.24 44.93 -1.44
N LYS B 350 16.11 45.13 -2.73
CA LYS B 350 17.03 45.96 -3.45
C LYS B 350 16.97 47.36 -2.89
N GLN B 351 15.82 47.76 -2.39
CA GLN B 351 15.61 49.09 -1.85
C GLN B 351 16.13 49.22 -0.43
N HIS B 352 15.90 48.19 0.37
CA HIS B 352 16.23 48.25 1.79
C HIS B 352 17.15 47.23 2.39
N VAL B 353 17.68 46.30 1.60
CA VAL B 353 18.64 45.39 2.17
C VAL B 353 19.89 45.86 1.51
N HIS B 354 20.78 46.44 2.28
CA HIS B 354 22.02 46.88 1.71
C HIS B 354 22.99 46.27 2.65
N ASP B 355 23.49 45.09 2.27
CA ASP B 355 24.40 44.30 3.08
C ASP B 355 25.00 43.19 2.26
N THR B 356 26.06 42.58 2.78
CA THR B 356 26.74 41.53 2.08
C THR B 356 27.25 40.46 3.07
N PRO B 357 26.97 39.17 2.81
CA PRO B 357 27.37 37.98 3.59
C PRO B 357 27.51 38.21 5.10
N VAL B 358 28.75 38.17 5.57
CA VAL B 358 29.05 38.37 6.98
C VAL B 358 30.55 38.43 7.23
N PRO B 359 31.29 37.45 6.68
CA PRO B 359 32.74 37.38 6.83
C PRO B 359 33.38 36.50 5.77
N PRO B 370 39.85 10.75 6.25
CA PRO B 370 38.73 9.85 5.92
C PRO B 370 39.19 8.42 5.68
N ASP B 371 39.56 7.71 6.75
CA ASP B 371 40.03 6.34 6.65
C ASP B 371 39.47 5.50 7.79
N GLY B 372 39.68 4.20 7.69
CA GLY B 372 39.24 3.27 8.71
C GLY B 372 37.84 2.73 8.47
N SER B 373 37.26 2.20 9.55
CA SER B 373 35.93 1.63 9.48
C SER B 373 34.89 2.72 9.21
N LEU B 374 33.95 2.41 8.33
CA LEU B 374 32.90 3.36 7.97
C LEU B 374 32.10 3.77 9.20
N THR B 375 31.90 5.07 9.35
CA THR B 375 31.01 5.64 10.35
C THR B 375 30.06 6.59 9.64
N GLN B 376 28.99 7.00 10.34
CA GLN B 376 28.11 8.02 9.80
C GLN B 376 28.91 9.28 9.45
N ASP B 377 29.84 9.67 10.33
CA ASP B 377 30.61 10.89 10.10
C ASP B 377 31.44 10.79 8.83
N ASN B 378 32.22 9.71 8.69
CA ASN B 378 33.08 9.62 7.50
C ASN B 378 32.32 9.17 6.26
N PHE B 379 31.14 8.56 6.41
CA PHE B 379 30.33 8.25 5.23
C PHE B 379 29.88 9.55 4.55
N TRP B 380 29.31 10.47 5.33
CA TRP B 380 28.81 11.71 4.76
C TRP B 380 29.95 12.60 4.29
N LYS B 381 31.08 12.59 4.99
CA LYS B 381 32.25 13.31 4.51
C LYS B 381 32.72 12.74 3.18
N THR B 382 32.73 11.41 3.05
CA THR B 382 33.13 10.78 1.80
C THR B 382 32.16 11.12 0.68
N LEU B 383 30.86 11.08 0.96
CA LEU B 383 29.88 11.39 -0.06
C LEU B 383 29.93 12.85 -0.47
N GLN B 384 30.31 13.74 0.45
CA GLN B 384 30.39 15.17 0.13
C GLN B 384 31.32 15.43 -1.04
N THR B 385 32.47 14.75 -1.06
CA THR B 385 33.41 14.91 -2.16
C THR B 385 32.92 14.28 -3.45
N PHE B 386 31.88 13.46 -3.41
CA PHE B 386 31.43 12.70 -4.57
C PHE B 386 30.33 13.42 -5.36
N ILE B 387 29.48 14.19 -4.70
CA ILE B 387 28.36 14.82 -5.39
C ILE B 387 28.88 15.88 -6.36
N ARG B 388 28.13 16.07 -7.43
CA ARG B 388 28.51 16.96 -8.53
C ARG B 388 27.30 17.74 -8.98
N PRO B 389 27.49 18.85 -9.70
CA PRO B 389 26.37 19.55 -10.32
C PRO B 389 25.58 18.62 -11.22
N GLY B 390 24.26 18.81 -11.24
CA GLY B 390 23.37 17.97 -12.00
C GLY B 390 22.85 16.75 -11.28
N ASP B 391 23.36 16.47 -10.08
CA ASP B 391 22.96 15.27 -9.36
C ASP B 391 21.52 15.37 -8.89
N ILE B 392 20.82 14.24 -8.92
CA ILE B 392 19.54 14.07 -8.25
C ILE B 392 19.79 13.16 -7.06
N ILE B 393 19.64 13.70 -5.86
CA ILE B 393 19.95 12.99 -4.62
C ILE B 393 18.65 12.79 -3.87
N LEU B 394 18.32 11.54 -3.56
CA LEU B 394 17.15 11.19 -2.77
C LEU B 394 17.58 10.47 -1.51
N ALA B 395 17.04 10.89 -0.37
CA ALA B 395 17.38 10.31 0.93
C ALA B 395 16.09 9.98 1.67
N ASP B 396 16.01 8.76 2.21
CA ASP B 396 14.83 8.31 2.92
C ASP B 396 14.91 8.67 4.40
N GLN B 397 13.76 8.67 5.05
CA GLN B 397 13.69 8.96 6.48
C GLN B 397 14.48 7.91 7.26
N GLY B 398 15.13 8.36 8.32
CA GLY B 398 16.16 7.58 8.97
C GLY B 398 17.49 8.31 8.91
N THR B 399 18.59 7.61 9.18
CA THR B 399 19.90 8.26 9.15
C THR B 399 20.25 8.78 7.76
N SER B 400 19.61 8.26 6.70
CA SER B 400 19.91 8.73 5.34
C SER B 400 19.52 10.19 5.17
N ALA B 401 18.27 10.53 5.48
CA ALA B 401 17.83 11.92 5.35
C ALA B 401 18.47 12.80 6.40
N PHE B 402 18.55 12.30 7.64
CA PHE B 402 19.05 13.12 8.74
C PHE B 402 20.56 13.33 8.66
N GLY B 403 21.26 12.54 7.86
CA GLY B 403 22.66 12.79 7.60
C GLY B 403 22.88 13.61 6.34
N ALA B 404 22.05 13.38 5.33
CA ALA B 404 22.19 14.10 4.07
C ALA B 404 21.95 15.59 4.21
N ILE B 405 21.31 16.01 5.31
CA ILE B 405 21.07 17.42 5.56
C ILE B 405 22.37 18.21 5.67
N ASP B 406 23.47 17.56 6.01
CA ASP B 406 24.75 18.24 6.20
C ASP B 406 25.59 18.30 4.93
N LEU B 407 25.13 17.71 3.86
CA LEU B 407 25.80 17.81 2.61
C LEU B 407 25.74 19.28 2.12
N ARG B 408 26.80 19.75 1.47
CA ARG B 408 26.84 21.09 0.91
C ARG B 408 26.62 20.89 -0.54
N LEU B 409 25.42 21.09 -1.00
CA LEU B 409 25.12 20.82 -2.38
C LEU B 409 25.68 21.81 -3.40
N PRO B 410 26.16 21.30 -4.54
CA PRO B 410 26.58 22.27 -5.57
C PRO B 410 25.38 22.76 -6.38
N ALA B 411 25.64 23.50 -7.45
CA ALA B 411 24.57 24.04 -8.26
C ALA B 411 23.81 22.94 -8.99
N ASP B 412 22.54 23.21 -9.29
CA ASP B 412 21.71 22.36 -10.14
C ASP B 412 21.57 20.95 -9.56
N VAL B 413 21.37 20.87 -8.25
CA VAL B 413 21.13 19.61 -7.57
C VAL B 413 19.66 19.54 -7.19
N ASN B 414 19.02 18.43 -7.52
CA ASN B 414 17.64 18.16 -7.11
C ASN B 414 17.68 17.22 -5.92
N PHE B 415 17.40 17.77 -4.74
CA PHE B 415 17.50 17.02 -3.48
C PHE B 415 16.08 16.64 -3.07
N ILE B 416 15.77 15.34 -3.14
CA ILE B 416 14.42 14.84 -2.92
C ILE B 416 14.38 14.14 -1.58
N VAL B 417 13.67 14.75 -0.63
CA VAL B 417 13.46 14.18 0.69
C VAL B 417 11.99 14.38 1.04
N GLN B 418 11.46 13.50 1.88
CA GLN B 418 10.05 13.51 2.25
C GLN B 418 9.92 13.48 3.77
N PRO B 419 10.34 14.55 4.44
CA PRO B 419 10.36 14.53 5.91
C PRO B 419 9.03 14.88 6.56
N LEU B 420 8.08 15.46 5.83
CA LEU B 420 6.78 15.74 6.45
C LEU B 420 5.92 14.50 6.48
N TRP B 421 5.68 13.88 5.32
CA TRP B 421 4.96 12.61 5.33
C TRP B 421 5.82 11.50 5.94
N GLY B 422 7.07 11.38 5.50
CA GLY B 422 8.01 10.47 6.12
C GLY B 422 7.77 8.99 5.93
N SER B 423 7.35 8.57 4.74
CA SER B 423 7.07 7.16 4.46
C SER B 423 8.33 6.49 3.94
N ILE B 424 8.92 5.59 4.74
CA ILE B 424 10.11 4.89 4.27
C ILE B 424 9.75 3.92 3.15
N GLY B 425 10.71 3.70 2.27
CA GLY B 425 10.48 3.02 1.01
C GLY B 425 10.19 3.95 -0.15
N TYR B 426 9.77 5.19 0.13
CA TYR B 426 9.50 6.16 -0.93
C TYR B 426 10.72 6.39 -1.79
N THR B 427 11.89 6.52 -1.16
CA THR B 427 13.09 7.00 -1.85
C THR B 427 13.50 6.08 -2.98
N LEU B 428 13.50 4.77 -2.74
CA LEU B 428 13.93 3.84 -3.77
C LEU B 428 12.99 3.87 -4.97
N ALA B 429 11.68 3.86 -4.72
CA ALA B 429 10.73 3.91 -5.83
C ALA B 429 10.67 5.31 -6.46
N ALA B 430 10.84 6.36 -5.65
CA ALA B 430 10.86 7.71 -6.21
C ALA B 430 12.07 7.91 -7.10
N ALA B 431 13.19 7.28 -6.77
CA ALA B 431 14.38 7.34 -7.62
C ALA B 431 14.08 6.77 -9.00
N PHE B 432 13.31 5.68 -9.05
CA PHE B 432 12.92 5.12 -10.35
C PHE B 432 12.10 6.12 -11.14
N GLY B 433 11.17 6.83 -10.48
CA GLY B 433 10.43 7.87 -11.17
C GLY B 433 11.29 9.05 -11.57
N ALA B 434 12.20 9.48 -10.68
CA ALA B 434 13.07 10.59 -11.00
C ALA B 434 14.01 10.24 -12.16
N GLN B 435 14.59 9.04 -12.13
CA GLN B 435 15.48 8.62 -13.20
C GLN B 435 14.72 8.49 -14.52
N THR B 436 13.46 8.03 -14.45
CA THR B 436 12.62 8.04 -15.64
C THR B 436 12.42 9.47 -16.14
N ALA B 437 12.22 10.41 -15.23
CA ALA B 437 12.04 11.80 -15.60
C ALA B 437 13.31 12.38 -16.23
N CYS B 438 14.48 12.04 -15.68
CA CYS B 438 15.76 12.62 -16.09
C CYS B 438 16.73 11.50 -16.43
N PRO B 439 16.57 10.85 -17.58
CA PRO B 439 17.46 9.73 -17.93
C PRO B 439 18.91 10.14 -18.10
N ASN B 440 19.20 11.42 -18.32
CA ASN B 440 20.55 11.88 -18.56
C ASN B 440 21.22 12.47 -17.32
N ARG B 441 20.55 12.45 -16.18
CA ARG B 441 21.13 12.98 -14.95
C ARG B 441 21.52 11.83 -14.03
N ARG B 442 22.55 12.08 -13.21
CA ARG B 442 23.04 11.08 -12.29
C ARG B 442 22.16 11.07 -11.05
N VAL B 443 21.62 9.90 -10.72
CA VAL B 443 20.69 9.72 -9.61
C VAL B 443 21.40 8.96 -8.50
N ILE B 444 21.47 9.59 -7.33
CA ILE B 444 22.10 8.99 -6.15
C ILE B 444 20.99 8.69 -5.15
N VAL B 445 20.87 7.43 -4.76
CA VAL B 445 19.80 6.98 -3.87
C VAL B 445 20.43 6.66 -2.52
N LEU B 446 20.01 7.38 -1.49
CA LEU B 446 20.47 7.15 -0.13
C LEU B 446 19.30 6.56 0.66
N THR B 447 19.31 5.24 0.83
CA THR B 447 18.21 4.57 1.51
C THR B 447 18.76 3.67 2.61
N GLY B 448 18.07 3.64 3.74
CA GLY B 448 18.40 2.69 4.77
C GLY B 448 18.00 1.28 4.37
N ASP B 449 18.56 0.30 5.07
CA ASP B 449 18.21 -1.09 4.80
C ASP B 449 16.75 -1.37 5.16
N GLY B 450 16.27 -0.78 6.26
CA GLY B 450 14.87 -0.95 6.60
C GLY B 450 13.95 -0.36 5.54
N ALA B 451 14.23 0.87 5.12
CA ALA B 451 13.38 1.55 4.16
C ALA B 451 13.34 0.81 2.83
N ALA B 452 14.49 0.34 2.35
CA ALA B 452 14.56 -0.27 1.03
C ALA B 452 13.76 -1.57 0.94
N GLN B 453 13.59 -2.26 2.08
CA GLN B 453 12.81 -3.50 2.07
C GLN B 453 11.36 -3.27 1.66
N LEU B 454 10.81 -2.08 1.97
CA LEU B 454 9.39 -1.87 1.73
C LEU B 454 9.05 -1.78 0.25
N THR B 455 10.00 -1.34 -0.58
CA THR B 455 9.74 -1.08 -1.99
C THR B 455 10.80 -1.71 -2.89
N ILE B 456 11.40 -2.81 -2.42
CA ILE B 456 12.57 -3.37 -3.10
C ILE B 456 12.25 -3.82 -4.52
N GLN B 457 11.01 -4.21 -4.80
CA GLN B 457 10.69 -4.76 -6.10
C GLN B 457 10.83 -3.74 -7.22
N GLU B 458 10.83 -2.45 -6.91
CA GLU B 458 11.03 -1.45 -7.96
C GLU B 458 12.47 -1.38 -8.44
N LEU B 459 13.41 -2.03 -7.75
CA LEU B 459 14.75 -2.19 -8.31
C LEU B 459 14.69 -3.00 -9.60
N GLY B 460 13.79 -3.98 -9.68
CA GLY B 460 13.62 -4.71 -10.92
C GLY B 460 13.13 -3.83 -12.05
N SER B 461 12.28 -2.86 -11.73
CA SER B 461 11.84 -1.89 -12.73
C SER B 461 13.01 -1.04 -13.20
N MET B 462 13.87 -0.62 -12.26
CA MET B 462 15.09 0.09 -12.62
C MET B 462 15.92 -0.71 -13.60
N LEU B 463 16.14 -2.00 -13.28
CA LEU B 463 16.96 -2.86 -14.13
C LEU B 463 16.29 -3.13 -15.47
N ARG B 464 14.97 -3.33 -15.48
CA ARG B 464 14.27 -3.59 -16.73
C ARG B 464 14.40 -2.41 -17.68
N ASP B 465 14.35 -1.19 -17.17
CA ASP B 465 14.46 0.00 -17.99
C ASP B 465 15.90 0.48 -18.17
N LYS B 466 16.87 -0.35 -17.77
CA LYS B 466 18.29 -0.08 -18.00
C LYS B 466 18.72 1.24 -17.37
N GLN B 467 18.14 1.58 -16.22
CA GLN B 467 18.56 2.76 -15.50
C GLN B 467 19.91 2.51 -14.82
N HIS B 468 20.62 3.61 -14.53
CA HIS B 468 21.94 3.53 -13.90
C HIS B 468 22.03 4.43 -12.68
N PRO B 469 21.18 4.23 -11.67
CA PRO B 469 21.35 4.97 -10.42
C PRO B 469 22.50 4.40 -9.60
N ILE B 470 23.03 5.24 -8.72
CA ILE B 470 24.00 4.82 -7.72
C ILE B 470 23.23 4.68 -6.42
N ILE B 471 22.95 3.44 -6.02
CA ILE B 471 22.12 3.15 -4.87
C ILE B 471 23.03 2.81 -3.70
N LEU B 472 22.96 3.61 -2.63
CA LEU B 472 23.72 3.36 -1.41
C LEU B 472 22.75 2.90 -0.34
N VAL B 473 22.87 1.64 0.07
CA VAL B 473 22.04 1.08 1.13
C VAL B 473 22.82 1.16 2.44
N LEU B 474 22.32 1.95 3.38
CA LEU B 474 22.97 2.11 4.68
C LEU B 474 22.60 0.92 5.55
N ASN B 475 23.46 -0.10 5.54
CA ASN B 475 23.20 -1.35 6.26
C ASN B 475 23.72 -1.21 7.68
N ASN B 476 22.83 -0.79 8.58
CA ASN B 476 23.08 -0.82 10.01
C ASN B 476 22.30 -1.93 10.70
N GLU B 477 21.76 -2.87 9.92
CA GLU B 477 21.05 -4.05 10.42
C GLU B 477 19.89 -3.67 11.33
N GLY B 478 18.95 -2.91 10.77
CA GLY B 478 17.71 -2.63 11.47
C GLY B 478 17.34 -1.16 11.39
N TYR B 479 16.41 -0.77 12.25
CA TYR B 479 15.84 0.57 12.25
C TYR B 479 16.62 1.43 13.24
N THR B 480 17.72 2.01 12.78
CA THR B 480 18.63 2.71 13.69
C THR B 480 17.97 3.94 14.32
N VAL B 481 17.25 4.74 13.53
CA VAL B 481 16.59 5.91 14.11
C VAL B 481 15.58 5.49 15.15
N LEU B 482 14.83 4.42 14.88
CA LEU B 482 13.92 3.89 15.89
C LEU B 482 14.68 3.42 17.12
N ARG B 483 15.81 2.75 16.92
CA ARG B 483 16.65 2.33 18.04
C ARG B 483 17.08 3.54 18.87
N ALA B 484 17.43 4.64 18.21
CA ALA B 484 17.85 5.84 18.92
C ALA B 484 16.69 6.52 19.63
N ILE B 485 15.45 6.31 19.15
CA ILE B 485 14.30 6.89 19.81
C ILE B 485 13.87 6.06 21.01
N HIS B 486 13.71 4.75 20.82
CA HIS B 486 13.24 3.91 21.91
C HIS B 486 13.59 2.45 21.64
N GLY B 487 14.08 1.77 22.67
CA GLY B 487 14.35 0.34 22.62
C GLY B 487 15.42 -0.08 21.63
N PRO B 488 16.66 0.39 21.83
CA PRO B 488 17.75 -0.04 20.92
C PRO B 488 17.98 -1.53 20.93
N GLU B 489 17.79 -2.19 22.08
CA GLU B 489 17.92 -3.63 22.22
C GLU B 489 16.62 -4.37 22.01
N GLN B 490 15.55 -3.70 21.61
CA GLN B 490 14.27 -4.37 21.40
C GLN B 490 14.23 -4.98 20.01
N ARG B 491 13.64 -6.16 19.91
CA ARG B 491 13.69 -6.93 18.67
C ARG B 491 12.76 -6.40 17.59
N TYR B 492 11.77 -5.57 17.95
CA TYR B 492 10.93 -4.97 16.92
C TYR B 492 11.71 -3.97 16.08
N ASN B 493 12.87 -3.51 16.54
CA ASN B 493 13.74 -2.65 15.76
C ASN B 493 14.68 -3.45 14.86
N ASP B 494 14.68 -4.76 14.96
CA ASP B 494 15.45 -5.59 14.05
C ASP B 494 14.69 -5.77 12.74
N ILE B 495 15.43 -6.18 11.70
CA ILE B 495 14.85 -6.51 10.40
C ILE B 495 15.44 -7.83 9.92
N ALA B 496 14.75 -8.45 8.97
CA ALA B 496 15.34 -9.56 8.25
C ALA B 496 16.60 -9.08 7.52
N LEU B 497 17.68 -9.85 7.64
CA LEU B 497 18.97 -9.44 7.11
C LEU B 497 19.10 -9.96 5.68
N TRP B 498 19.06 -9.04 4.72
CA TRP B 498 19.10 -9.38 3.31
C TRP B 498 20.54 -9.40 2.79
N ASN B 499 20.72 -10.05 1.63
CA ASN B 499 22.00 -10.06 0.93
C ASN B 499 21.90 -9.05 -0.21
N TRP B 500 22.15 -7.77 0.15
CA TRP B 500 21.77 -6.65 -0.70
C TRP B 500 22.46 -6.70 -2.05
N THR B 501 23.75 -7.04 -2.08
CA THR B 501 24.48 -7.05 -3.35
C THR B 501 24.03 -8.15 -4.29
N GLN B 502 23.20 -9.09 -3.82
CA GLN B 502 22.68 -10.17 -4.65
C GLN B 502 21.30 -9.86 -5.23
N ILE B 503 20.67 -8.76 -4.82
CA ILE B 503 19.30 -8.46 -5.19
C ILE B 503 19.17 -8.17 -6.69
N PRO B 504 20.06 -7.39 -7.32
CA PRO B 504 19.93 -7.20 -8.78
C PRO B 504 19.97 -8.51 -9.55
N GLN B 505 20.79 -9.46 -9.10
CA GLN B 505 20.89 -10.75 -9.77
C GLN B 505 19.63 -11.57 -9.61
N ALA B 506 18.84 -11.31 -8.57
CA ALA B 506 17.56 -11.99 -8.38
C ALA B 506 16.41 -11.30 -9.10
N LEU B 507 16.48 -9.98 -9.27
CA LEU B 507 15.38 -9.21 -9.85
C LEU B 507 15.58 -8.92 -11.33
N SER B 508 16.55 -9.57 -11.97
CA SER B 508 16.80 -9.40 -13.39
C SER B 508 17.48 -10.65 -13.92
N LEU B 509 17.17 -11.00 -15.18
CA LEU B 509 17.80 -12.13 -15.85
C LEU B 509 19.18 -11.78 -16.39
N ASP B 510 19.48 -10.49 -16.49
CA ASP B 510 20.80 -10.04 -16.96
C ASP B 510 21.05 -8.66 -16.39
N PRO B 511 21.17 -8.54 -15.07
CA PRO B 511 21.47 -7.22 -14.50
C PRO B 511 22.90 -6.88 -14.83
N GLN B 512 23.08 -5.84 -15.62
CA GLN B 512 24.40 -5.28 -15.84
C GLN B 512 24.63 -4.25 -14.74
N ALA B 513 24.77 -4.78 -13.54
CA ALA B 513 24.87 -3.96 -12.34
C ALA B 513 26.14 -4.32 -11.60
N GLN B 514 26.67 -3.36 -10.87
CA GLN B 514 27.91 -3.54 -10.12
C GLN B 514 27.60 -3.24 -8.66
N CYS B 515 27.89 -4.21 -7.81
CA CYS B 515 27.53 -4.12 -6.40
C CYS B 515 28.76 -4.36 -5.55
N TRP B 516 28.80 -3.68 -4.41
CA TRP B 516 29.90 -3.83 -3.47
C TRP B 516 29.35 -3.84 -2.06
N ARG B 517 30.08 -4.50 -1.17
CA ARG B 517 29.83 -4.44 0.26
C ARG B 517 31.05 -3.72 0.83
N VAL B 518 30.84 -2.51 1.35
CA VAL B 518 31.93 -1.67 1.84
C VAL B 518 31.78 -1.49 3.34
N SER B 519 32.90 -1.60 4.04
CA SER B 519 32.98 -1.32 5.47
C SER B 519 34.07 -0.33 5.80
N GLU B 520 34.88 0.07 4.82
CA GLU B 520 35.96 1.02 5.02
C GLU B 520 35.71 2.24 4.14
N ALA B 521 36.11 3.41 4.66
CA ALA B 521 35.90 4.66 3.94
C ALA B 521 36.75 4.71 2.68
N GLU B 522 38.00 4.24 2.74
CA GLU B 522 38.85 4.20 1.56
C GLU B 522 38.25 3.29 0.51
N GLN B 523 37.66 2.18 0.93
CA GLN B 523 36.94 1.31 0.00
C GLN B 523 35.80 2.07 -0.66
N LEU B 524 35.00 2.77 0.14
CA LEU B 524 33.85 3.51 -0.38
C LEU B 524 34.26 4.56 -1.38
N ALA B 525 35.31 5.34 -1.06
CA ALA B 525 35.76 6.38 -1.97
C ALA B 525 36.25 5.79 -3.29
N ASP B 526 36.98 4.67 -3.23
CA ASP B 526 37.39 4.00 -4.46
C ASP B 526 36.19 3.53 -5.28
N VAL B 527 35.19 2.96 -4.60
CA VAL B 527 33.99 2.50 -5.30
C VAL B 527 33.23 3.68 -5.90
N LEU B 528 33.11 4.77 -5.14
CA LEU B 528 32.39 5.94 -5.65
C LEU B 528 33.07 6.53 -6.88
N GLU B 529 34.41 6.49 -6.92
CA GLU B 529 35.13 6.89 -8.12
C GLU B 529 34.78 5.97 -9.29
N LYS B 530 34.69 4.66 -9.03
CA LYS B 530 34.38 3.71 -10.09
C LYS B 530 33.02 3.98 -10.72
N VAL B 531 32.01 4.26 -9.90
CA VAL B 531 30.64 4.36 -10.41
C VAL B 531 30.30 5.78 -10.81
N ALA B 532 31.26 6.70 -10.75
CA ALA B 532 31.01 8.12 -10.93
C ALA B 532 30.20 8.41 -12.20
N HIS B 533 30.59 7.81 -13.32
CA HIS B 533 29.92 8.07 -14.60
C HIS B 533 28.76 7.13 -14.86
N HIS B 534 28.27 6.43 -13.83
CA HIS B 534 27.04 5.63 -13.85
C HIS B 534 26.77 4.94 -15.18
N GLU B 535 27.74 4.18 -15.68
CA GLU B 535 27.52 3.39 -16.88
C GLU B 535 26.63 2.19 -16.60
N ARG B 536 26.54 1.78 -15.33
CA ARG B 536 25.69 0.69 -14.92
C ARG B 536 24.98 1.08 -13.64
N LEU B 537 23.93 0.34 -13.31
CA LEU B 537 23.30 0.49 -12.00
C LEU B 537 24.29 0.04 -10.94
N SER B 538 24.41 0.82 -9.88
CA SER B 538 25.35 0.53 -8.80
C SER B 538 24.61 0.41 -7.48
N LEU B 539 24.83 -0.69 -6.77
CA LEU B 539 24.32 -0.88 -5.43
C LEU B 539 25.51 -1.01 -4.50
N ILE B 540 25.72 -0.01 -3.65
CA ILE B 540 26.82 0.00 -2.71
C ILE B 540 26.21 -0.26 -1.33
N GLU B 541 26.48 -1.44 -0.78
CA GLU B 541 25.99 -1.81 0.54
C GLU B 541 26.97 -1.24 1.57
N VAL B 542 26.52 -0.25 2.34
CA VAL B 542 27.37 0.52 3.22
C VAL B 542 27.20 -0.04 4.63
N MET B 543 28.25 -0.67 5.14
CA MET B 543 28.23 -1.28 6.47
C MET B 543 28.48 -0.20 7.53
N LEU B 544 27.47 0.06 8.35
CA LEU B 544 27.53 1.10 9.36
C LEU B 544 27.17 0.53 10.72
N PRO B 545 27.69 1.11 11.79
CA PRO B 545 27.39 0.58 13.13
C PRO B 545 25.90 0.71 13.45
N LYS B 546 25.42 -0.24 14.26
CA LYS B 546 24.00 -0.30 14.59
C LYS B 546 23.54 0.99 15.29
N ALA B 547 24.39 1.57 16.13
CA ALA B 547 24.02 2.71 16.96
C ALA B 547 24.60 4.02 16.44
N ASP B 548 25.22 4.03 15.26
CA ASP B 548 25.89 5.24 14.77
C ASP B 548 24.85 6.24 14.28
N ILE B 549 25.03 7.49 14.67
CA ILE B 549 23.96 8.48 14.55
C ILE B 549 24.46 9.77 13.90
N PRO B 550 23.73 10.32 12.93
CA PRO B 550 24.08 11.63 12.38
C PRO B 550 23.80 12.73 13.40
N PRO B 551 24.49 13.88 13.29
CA PRO B 551 24.32 14.94 14.29
C PRO B 551 22.88 15.42 14.46
N LEU B 552 22.14 15.57 13.36
CA LEU B 552 20.79 16.10 13.46
C LEU B 552 19.89 15.18 14.26
N LEU B 553 20.01 13.87 14.08
CA LEU B 553 19.12 12.95 14.76
C LEU B 553 19.41 12.94 16.26
N GLY B 554 20.67 13.12 16.65
CA GLY B 554 20.98 13.27 18.06
C GLY B 554 20.28 14.47 18.67
N ALA B 555 20.17 15.57 17.91
CA ALA B 555 19.42 16.72 18.38
C ALA B 555 17.93 16.45 18.39
N ILE B 556 17.43 15.64 17.46
CA ILE B 556 16.02 15.28 17.47
C ILE B 556 15.69 14.40 18.67
N THR B 557 16.57 13.45 19.01
CA THR B 557 16.32 12.59 20.16
C THR B 557 16.39 13.35 21.48
N LYS B 558 17.36 14.25 21.63
CA LYS B 558 17.48 14.96 22.90
C LYS B 558 16.28 15.86 23.15
N ALA B 559 15.60 16.31 22.09
CA ALA B 559 14.38 17.10 22.22
C ALA B 559 13.14 16.21 22.17
N LEU B 560 13.08 15.26 23.11
CA LEU B 560 11.95 14.32 23.17
C LEU B 560 11.71 13.95 24.62
N GLU B 561 10.44 14.04 25.04
CA GLU B 561 10.00 13.96 26.45
C GLU B 561 10.70 14.97 27.35
N ALA B 562 11.24 16.05 26.79
CA ALA B 562 11.89 17.06 27.61
C ALA B 562 10.86 18.05 28.14
N1' TPP C . -3.17 -4.71 -8.77
C2' TPP C . -3.54 -5.37 -7.70
CM2 TPP C . -2.95 -4.96 -6.41
N3' TPP C . -4.40 -6.37 -7.75
C4' TPP C . -4.92 -6.75 -8.89
N4' TPP C . -5.78 -7.73 -9.00
C5' TPP C . -4.53 -6.05 -10.12
C6' TPP C . -3.65 -5.03 -9.97
C7' TPP C . -5.10 -6.42 -11.46
N3 TPP C . -4.83 -7.77 -11.88
C2 TPP C . -5.66 -8.84 -11.82
S1 TPP C . -5.08 -10.38 -12.38
C5 TPP C . -3.62 -9.55 -12.73
C4 TPP C . -3.66 -8.12 -12.39
CM4 TPP C . -2.55 -7.15 -12.60
C6 TPP C . -2.55 -10.39 -13.35
C7 TPP C . -1.96 -11.44 -12.46
O7 TPP C . -0.85 -11.97 -13.14
PA TPP C . 0.03 -13.17 -12.60
O1A TPP C . 0.25 -12.93 -11.20
O2A TPP C . 1.28 -13.22 -13.34
O3A TPP C . -0.92 -14.30 -12.91
PB TPP C . -1.09 -14.99 -14.24
O1B TPP C . -0.03 -14.47 -15.12
O2B TPP C . -1.00 -16.39 -13.98
O3B TPP C . -2.45 -14.87 -14.67
MG MG D . 2.00 -14.39 -14.93
C1 PPY E . 8.64 6.86 12.68
O1 PPY E . 7.39 6.88 12.65
O2 PPY E . 9.27 6.43 13.68
C2 PPY E . 9.39 7.37 11.54
O3 PPY E . 8.83 7.54 10.46
C3 PPY E . 10.86 7.66 11.68
C1' PPY E . 11.05 9.05 12.25
C2' PPY E . 11.50 9.21 13.55
C3' PPY E . 11.68 10.48 14.08
C4' PPY E . 11.38 11.61 13.29
C5' PPY E . 10.91 11.44 11.99
C6' PPY E . 10.75 10.16 11.47
N1' TPP F . 6.78 2.55 7.92
C2' TPP F . 6.84 3.49 6.94
CM2 TPP F . 6.27 3.16 5.58
N3' TPP F . 7.40 4.70 7.14
C4' TPP F . 7.92 5.01 8.34
N4' TPP F . 8.49 6.22 8.56
C5' TPP F . 7.87 3.99 9.43
C6' TPP F . 7.27 2.77 9.13
C7' TPP F . 8.43 4.28 10.80
N3 TPP F . 9.87 4.54 10.69
C2 TPP F . 10.38 5.79 10.56
S1 TPP F . 12.11 5.86 10.44
C5 TPP F . 12.16 4.14 10.57
C4 TPP F . 10.79 3.57 10.70
CM4 TPP F . 10.49 2.09 10.83
C6 TPP F . 13.53 3.53 10.53
C7 TPP F . 14.00 3.43 9.08
O7 TPP F . 15.07 2.48 8.99
PA TPP F . 16.10 2.53 7.76
O1A TPP F . 15.31 2.81 6.50
O2A TPP F . 16.99 1.31 7.85
O3A TPP F . 16.99 3.83 8.10
PB TPP F . 17.87 3.89 9.44
O1B TPP F . 19.25 4.28 8.96
O2B TPP F . 17.18 4.95 10.28
O3B TPP F . 17.78 2.50 10.00
MG MG G . 18.65 0.87 9.11
C1 PPY H . -7.94 -7.25 -12.75
O1 PPY H . -7.69 -7.32 -13.97
O2 PPY H . -8.34 -6.17 -12.23
C2 PPY H . -7.76 -8.42 -11.90
O3 PPY H . -7.72 -8.30 -10.68
C3 PPY H . -7.62 -9.78 -12.54
C1' PPY H . -8.99 -10.39 -12.74
C2' PPY H . -9.50 -10.55 -14.03
C3' PPY H . -10.76 -11.10 -14.22
C4' PPY H . -11.51 -11.49 -13.12
C5' PPY H . -11.01 -11.33 -11.83
C6' PPY H . -9.75 -10.77 -11.65
#